data_4GLO
#
_entry.id   4GLO
#
_cell.length_a   99.590
_cell.length_b   99.590
_cell.length_c   206.389
_cell.angle_alpha   90.00
_cell.angle_beta   90.00
_cell.angle_gamma   120.00
#
_symmetry.space_group_name_H-M   'P 61'
#
loop_
_entity.id
_entity.type
_entity.pdbx_description
1 polymer '3-oxoacyl-[acyl-carrier protein] reductase'
2 non-polymer NICOTINAMIDE-ADENINE-DINUCLEOTIDE
3 non-polymer 'SULFATE ION'
4 non-polymer 'CHLORIDE ION'
5 non-polymer 1,2-ETHANEDIOL
6 water water
#
_entity_poly.entity_id   1
_entity_poly.type   'polypeptide(L)'
_entity_poly.pdbx_seq_one_letter_code
;MDLNLQDKVVIVTGGASGIGGAISMRLAEERAIPVVFARHAPDGAFLDALAQRQPRATYLPVELQDDAQCRDAVAQTIAT
FGRLDGLVNNAGVNDGIGLDAGRDAFVASLERNLIHYYAMAHYCVPHLKATRGAIVNISSKTAVTGQGNTSGYCASKGAQ
LALTREWAVALREHGVRVNAVIPAEVMTPLYRNWIATFEDPEAKLAEIAAKVPLGRRFTTPDEIADTAVFLLSPRASHTT
GEWLFVDGGYTHLDRALV
;
_entity_poly.pdbx_strand_id   A,B,C,D
#
loop_
_chem_comp.id
_chem_comp.type
_chem_comp.name
_chem_comp.formula
CL non-polymer 'CHLORIDE ION' 'Cl -1'
EDO non-polymer 1,2-ETHANEDIOL 'C2 H6 O2'
NAD non-polymer NICOTINAMIDE-ADENINE-DINUCLEOTIDE 'C21 H27 N7 O14 P2'
SO4 non-polymer 'SULFATE ION' 'O4 S -2'
#
# COMPACT_ATOMS: atom_id res chain seq x y z
N MET A 1 -17.98 11.35 -22.17
CA MET A 1 -18.23 10.04 -21.55
C MET A 1 -19.56 10.02 -20.78
N ASP A 2 -20.52 9.25 -21.28
CA ASP A 2 -21.81 9.09 -20.60
C ASP A 2 -21.62 8.30 -19.32
N LEU A 3 -21.94 8.90 -18.17
CA LEU A 3 -21.79 8.22 -16.89
C LEU A 3 -23.02 7.40 -16.52
N ASN A 4 -24.09 7.52 -17.30
CA ASN A 4 -25.34 6.80 -17.02
C ASN A 4 -25.85 7.01 -15.61
N LEU A 5 -25.84 8.25 -15.16
CA LEU A 5 -26.34 8.60 -13.82
C LEU A 5 -27.63 9.41 -13.91
N GLN A 6 -28.20 9.51 -15.11
CA GLN A 6 -29.39 10.33 -15.30
C GLN A 6 -30.54 9.82 -14.42
N ASP A 7 -31.13 10.73 -13.64
CA ASP A 7 -32.22 10.41 -12.71
C ASP A 7 -31.86 9.45 -11.58
N LYS A 8 -30.56 9.23 -11.35
CA LYS A 8 -30.12 8.41 -10.23
C LYS A 8 -30.10 9.27 -8.98
N VAL A 9 -30.63 8.74 -7.87
CA VAL A 9 -30.77 9.51 -6.64
C VAL A 9 -29.57 9.24 -5.74
N VAL A 10 -28.84 10.30 -5.38
CA VAL A 10 -27.59 10.13 -4.62
C VAL A 10 -27.55 11.07 -3.42
N ILE A 11 -27.47 10.50 -2.22
CA ILE A 11 -27.34 11.30 -1.00
C ILE A 11 -25.87 11.72 -0.85
N VAL A 12 -25.64 13.00 -0.58
CA VAL A 12 -24.30 13.52 -0.33
C VAL A 12 -24.29 14.18 1.04
N THR A 13 -23.54 13.63 1.99
CA THR A 13 -23.53 14.26 3.30
C THR A 13 -22.55 15.42 3.30
N GLY A 14 -22.90 16.51 3.97
CA GLY A 14 -22.15 17.75 3.88
C GLY A 14 -22.07 18.23 2.44
N GLY A 15 -23.15 18.01 1.69
CA GLY A 15 -23.12 18.16 0.25
C GLY A 15 -23.42 19.54 -0.29
N ALA A 16 -23.36 20.56 0.55
CA ALA A 16 -23.68 21.92 0.10
C ALA A 16 -22.51 22.89 0.23
N SER A 17 -21.35 22.38 0.60
CA SER A 17 -20.16 23.21 0.76
C SER A 17 -18.90 22.42 0.41
N GLY A 18 -17.86 23.12 -0.02
CA GLY A 18 -16.57 22.50 -0.30
C GLY A 18 -16.63 21.31 -1.23
N ILE A 19 -15.95 20.23 -0.86
CA ILE A 19 -15.95 19.03 -1.66
C ILE A 19 -17.35 18.47 -1.88
N GLY A 20 -18.12 18.38 -0.80
CA GLY A 20 -19.47 17.84 -0.88
C GLY A 20 -20.31 18.66 -1.85
N GLY A 21 -20.17 19.97 -1.79
CA GLY A 21 -20.92 20.86 -2.68
C GLY A 21 -20.55 20.64 -4.14
N ALA A 22 -19.25 20.46 -4.39
CA ALA A 22 -18.78 20.20 -5.75
C ALA A 22 -19.31 18.88 -6.26
N ILE A 23 -19.37 17.87 -5.38
CA ILE A 23 -19.91 16.57 -5.77
C ILE A 23 -21.39 16.68 -6.17
N SER A 24 -22.17 17.41 -5.36
CA SER A 24 -23.59 17.61 -5.66
C SER A 24 -23.76 18.31 -7.00
N MET A 25 -22.95 19.33 -7.23
CA MET A 25 -23.05 20.11 -8.46
C MET A 25 -22.70 19.27 -9.69
N ARG A 26 -21.67 18.43 -9.57
CA ARG A 26 -21.29 17.55 -10.68
C ARG A 26 -22.41 16.52 -10.91
N LEU A 27 -22.97 16.00 -9.83
CA LEU A 27 -24.07 15.05 -9.95
C LEU A 27 -25.21 15.68 -10.74
N ALA A 28 -25.53 16.92 -10.40
CA ALA A 28 -26.62 17.62 -11.09
C ALA A 28 -26.28 17.88 -12.56
N GLU A 29 -25.00 18.15 -12.85
CA GLU A 29 -24.54 18.37 -14.22
C GLU A 29 -24.72 17.10 -15.08
N GLU A 30 -24.56 15.94 -14.45
CA GLU A 30 -24.73 14.64 -15.10
C GLU A 30 -26.18 14.20 -15.10
N ARG A 31 -27.07 15.10 -14.68
CA ARG A 31 -28.52 14.85 -14.59
C ARG A 31 -28.93 13.84 -13.52
N ALA A 32 -28.01 13.53 -12.62
CA ALA A 32 -28.34 12.74 -11.44
C ALA A 32 -29.14 13.62 -10.50
N ILE A 33 -29.67 13.04 -9.43
CA ILE A 33 -30.44 13.81 -8.47
C ILE A 33 -29.75 13.82 -7.12
N PRO A 34 -28.95 14.87 -6.85
CA PRO A 34 -28.26 14.92 -5.58
C PRO A 34 -29.24 15.28 -4.46
N VAL A 35 -29.07 14.64 -3.31
CA VAL A 35 -29.89 14.91 -2.14
C VAL A 35 -28.94 15.30 -1.00
N VAL A 36 -28.95 16.57 -0.63
CA VAL A 36 -27.98 17.09 0.34
C VAL A 36 -28.44 16.88 1.77
N PHE A 37 -27.65 16.14 2.56
CA PHE A 37 -27.88 16.03 3.99
C PHE A 37 -26.83 16.92 4.64
N ALA A 38 -27.26 17.95 5.34
CA ALA A 38 -26.30 18.86 6.01
C ALA A 38 -26.96 19.56 7.17
N ARG A 39 -26.14 20.03 8.10
CA ARG A 39 -26.64 20.63 9.33
C ARG A 39 -27.26 22.00 9.10
N HIS A 40 -26.63 22.77 8.21
CA HIS A 40 -27.06 24.14 7.95
C HIS A 40 -27.77 24.23 6.60
N ALA A 41 -28.69 25.19 6.50
CA ALA A 41 -29.31 25.51 5.23
C ALA A 41 -28.21 25.97 4.28
N PRO A 42 -28.21 25.43 3.06
CA PRO A 42 -27.28 25.82 2.00
C PRO A 42 -27.47 27.27 1.53
N ASP A 43 -26.42 27.87 0.99
CA ASP A 43 -26.49 29.18 0.33
C ASP A 43 -27.59 29.20 -0.72
N GLY A 44 -28.32 30.31 -0.80
CA GLY A 44 -29.34 30.46 -1.82
C GLY A 44 -28.78 30.37 -3.23
N ALA A 45 -27.61 30.95 -3.42
CA ALA A 45 -26.94 30.91 -4.72
C ALA A 45 -26.56 29.48 -5.06
N PHE A 46 -26.20 28.70 -4.05
CA PHE A 46 -25.93 27.28 -4.26
C PHE A 46 -27.19 26.55 -4.68
N LEU A 47 -28.27 26.80 -3.94
CA LEU A 47 -29.56 26.16 -4.24
C LEU A 47 -30.06 26.51 -5.63
N ASP A 48 -29.85 27.76 -6.03
CA ASP A 48 -30.28 28.23 -7.35
C ASP A 48 -29.48 27.56 -8.47
N ALA A 49 -28.16 27.51 -8.31
CA ALA A 49 -27.30 26.89 -9.31
C ALA A 49 -27.60 25.39 -9.41
N LEU A 50 -27.85 24.78 -8.26
CA LEU A 50 -28.18 23.36 -8.23
C LEU A 50 -29.49 23.10 -8.96
N ALA A 51 -30.50 23.91 -8.64
CA ALA A 51 -31.83 23.76 -9.22
C ALA A 51 -31.86 23.99 -10.72
N GLN A 52 -31.03 24.91 -11.19
CA GLN A 52 -30.89 25.18 -12.62
C GLN A 52 -30.45 23.92 -13.38
N ARG A 53 -29.57 23.14 -12.78
CA ARG A 53 -29.10 21.91 -13.39
C ARG A 53 -30.07 20.76 -13.17
N GLN A 54 -30.60 20.67 -11.96
CA GLN A 54 -31.47 19.57 -11.59
C GLN A 54 -32.56 20.07 -10.65
N PRO A 55 -33.72 20.43 -11.21
CA PRO A 55 -34.86 20.94 -10.45
C PRO A 55 -35.28 20.02 -9.31
N ARG A 56 -34.99 18.72 -9.44
CA ARG A 56 -35.45 17.76 -8.44
C ARG A 56 -34.48 17.59 -7.27
N ALA A 57 -33.32 18.24 -7.37
CA ALA A 57 -32.33 18.16 -6.30
C ALA A 57 -32.96 18.70 -5.01
N THR A 58 -32.65 18.05 -3.89
CA THR A 58 -33.26 18.42 -2.61
C THR A 58 -32.21 18.62 -1.53
N TYR A 59 -32.63 19.28 -0.45
CA TYR A 59 -31.80 19.43 0.74
C TYR A 59 -32.66 19.06 1.95
N LEU A 60 -32.10 18.26 2.85
CA LEU A 60 -32.75 17.95 4.11
C LEU A 60 -31.83 18.39 5.24
N PRO A 61 -32.39 19.10 6.23
CA PRO A 61 -31.57 19.44 7.40
C PRO A 61 -31.33 18.20 8.25
N VAL A 62 -30.07 17.85 8.45
CA VAL A 62 -29.71 16.66 9.21
C VAL A 62 -28.51 16.93 10.09
N GLU A 63 -28.62 16.65 11.39
CA GLU A 63 -27.43 16.54 12.23
C GLU A 63 -26.99 15.07 12.18
N LEU A 64 -25.89 14.81 11.48
CA LEU A 64 -25.49 13.44 11.18
C LEU A 64 -25.10 12.64 12.41
N GLN A 65 -24.77 13.33 13.49
CA GLN A 65 -24.43 12.65 14.74
C GLN A 65 -25.66 12.09 15.48
N ASP A 66 -26.84 12.47 15.01
CA ASP A 66 -28.10 11.99 15.59
C ASP A 66 -28.59 10.83 14.73
N ASP A 67 -28.48 9.60 15.26
CA ASP A 67 -28.82 8.41 14.49
C ASP A 67 -30.25 8.44 13.94
N ALA A 68 -31.19 8.97 14.72
CA ALA A 68 -32.58 9.00 14.30
C ALA A 68 -32.80 9.99 13.16
N GLN A 69 -32.01 11.05 13.13
CA GLN A 69 -32.13 12.02 12.03
C GLN A 69 -31.61 11.41 10.74
N CYS A 70 -30.54 10.62 10.82
CA CYS A 70 -30.04 9.90 9.65
C CYS A 70 -31.12 8.95 9.15
N ARG A 71 -31.66 8.16 10.07
CA ARG A 71 -32.71 7.20 9.76
C ARG A 71 -33.90 7.87 9.06
N ASP A 72 -34.39 8.95 9.66
CA ASP A 72 -35.59 9.63 9.15
C ASP A 72 -35.33 10.33 7.82
N ALA A 73 -34.11 10.87 7.66
CA ALA A 73 -33.77 11.58 6.43
C ALA A 73 -33.69 10.61 5.26
N VAL A 74 -33.08 9.45 5.49
CA VAL A 74 -33.08 8.41 4.46
C VAL A 74 -34.51 7.98 4.14
N ALA A 75 -35.35 7.86 5.17
CA ALA A 75 -36.73 7.42 4.94
C ALA A 75 -37.49 8.46 4.11
N GLN A 76 -37.25 9.73 4.41
N GLN A 76 -37.26 9.73 4.41
CA GLN A 76 -37.87 10.83 3.66
CA GLN A 76 -37.91 10.79 3.64
C GLN A 76 -37.44 10.81 2.19
C GLN A 76 -37.45 10.78 2.17
N THR A 77 -36.17 10.51 1.97
CA THR A 77 -35.61 10.46 0.62
C THR A 77 -36.24 9.31 -0.18
N ILE A 78 -36.41 8.16 0.46
CA ILE A 78 -37.12 7.05 -0.18
C ILE A 78 -38.59 7.40 -0.44
N ALA A 79 -39.22 8.09 0.50
CA ALA A 79 -40.62 8.50 0.32
C ALA A 79 -40.78 9.46 -0.86
N THR A 80 -39.81 10.34 -1.04
CA THR A 80 -39.87 11.31 -2.14
C THR A 80 -39.57 10.69 -3.51
N PHE A 81 -38.54 9.85 -3.58
CA PHE A 81 -38.02 9.38 -4.86
C PHE A 81 -38.30 7.91 -5.18
N GLY A 82 -38.56 7.11 -4.16
CA GLY A 82 -38.88 5.71 -4.36
C GLY A 82 -37.68 4.84 -4.67
N ARG A 83 -36.48 5.40 -4.60
CA ARG A 83 -35.26 4.65 -4.88
C ARG A 83 -34.05 5.38 -4.32
N LEU A 84 -32.96 4.66 -4.12
CA LEU A 84 -31.66 5.26 -3.82
C LEU A 84 -30.57 4.58 -4.65
N ASP A 85 -29.77 5.40 -5.33
CA ASP A 85 -28.73 4.88 -6.21
C ASP A 85 -27.32 5.10 -5.72
N GLY A 86 -27.14 6.04 -4.80
CA GLY A 86 -25.80 6.31 -4.34
C GLY A 86 -25.76 6.99 -3.00
N LEU A 87 -24.65 6.82 -2.31
CA LEU A 87 -24.37 7.49 -1.05
C LEU A 87 -22.95 7.99 -1.11
N VAL A 88 -22.77 9.29 -0.88
CA VAL A 88 -21.43 9.83 -0.71
C VAL A 88 -21.32 10.25 0.75
N ASN A 89 -20.50 9.52 1.51
CA ASN A 89 -20.17 9.91 2.87
C ASN A 89 -19.05 10.94 2.79
N ASN A 90 -19.34 12.19 3.16
CA ASN A 90 -18.37 13.26 2.96
C ASN A 90 -18.18 14.19 4.16
N ALA A 91 -19.23 14.35 4.98
CA ALA A 91 -19.14 15.29 6.11
C ALA A 91 -18.03 14.89 7.08
N GLY A 92 -17.27 15.88 7.55
CA GLY A 92 -16.22 15.60 8.52
C GLY A 92 -15.53 16.87 8.94
N VAL A 93 -14.69 16.78 9.97
CA VAL A 93 -13.94 17.93 10.43
C VAL A 93 -12.68 17.47 11.13
N ASN A 94 -11.56 18.07 10.76
CA ASN A 94 -10.31 17.79 11.46
C ASN A 94 -10.29 18.62 12.73
N ASP A 95 -10.64 17.98 13.85
CA ASP A 95 -10.81 18.68 15.12
C ASP A 95 -9.59 18.70 16.03
N GLY A 96 -8.44 18.21 15.56
CA GLY A 96 -7.18 18.41 16.31
C GLY A 96 -7.14 17.83 17.71
N ILE A 97 -7.70 16.65 17.84
CA ILE A 97 -7.70 15.94 19.11
C ILE A 97 -6.45 15.07 19.18
N GLY A 98 -5.48 15.45 20.00
CA GLY A 98 -4.21 14.73 20.05
C GLY A 98 -4.21 13.56 21.00
N LEU A 99 -3.03 12.96 21.17
CA LEU A 99 -2.78 11.90 22.14
C LEU A 99 -3.09 12.32 23.56
N ASP A 100 -2.89 13.60 23.87
CA ASP A 100 -3.02 14.09 25.23
C ASP A 100 -4.45 14.45 25.61
N ALA A 101 -5.37 14.39 24.66
CA ALA A 101 -6.73 14.89 24.90
C ALA A 101 -7.60 13.97 25.76
N GLY A 102 -7.41 12.66 25.62
CA GLY A 102 -8.15 11.70 26.44
C GLY A 102 -9.42 11.18 25.82
N ARG A 103 -10.03 10.23 26.51
CA ARG A 103 -11.15 9.45 26.00
C ARG A 103 -12.31 10.25 25.45
N ASP A 104 -12.84 11.18 26.25
CA ASP A 104 -14.07 11.88 25.84
C ASP A 104 -13.87 12.67 24.55
N ALA A 105 -12.75 13.37 24.43
CA ALA A 105 -12.44 14.10 23.22
C ALA A 105 -12.23 13.17 22.00
N PHE A 106 -11.57 12.05 22.22
CA PHE A 106 -11.31 11.09 21.15
C PHE A 106 -12.63 10.51 20.64
N VAL A 107 -13.49 10.09 21.56
CA VAL A 107 -14.78 9.51 21.17
C VAL A 107 -15.65 10.53 20.46
N ALA A 108 -15.62 11.78 20.92
CA ALA A 108 -16.41 12.82 20.26
C ALA A 108 -15.95 13.04 18.84
N SER A 109 -14.64 12.92 18.62
CA SER A 109 -14.09 13.03 17.27
C SER A 109 -14.58 11.90 16.38
N LEU A 110 -14.64 10.69 16.92
CA LEU A 110 -15.19 9.55 16.18
C LEU A 110 -16.65 9.81 15.80
N GLU A 111 -17.40 10.39 16.72
CA GLU A 111 -18.80 10.74 16.44
C GLU A 111 -18.91 11.76 15.30
N ARG A 112 -18.03 12.76 15.30
CA ARG A 112 -18.06 13.79 14.26
C ARG A 112 -17.64 13.30 12.89
N ASN A 113 -16.93 12.18 12.85
CA ASN A 113 -16.32 11.71 11.61
C ASN A 113 -16.69 10.27 11.24
N LEU A 114 -16.21 9.32 12.02
CA LEU A 114 -16.40 7.91 11.69
C LEU A 114 -17.84 7.42 11.79
N ILE A 115 -18.48 7.70 12.91
CA ILE A 115 -19.68 6.93 13.27
C ILE A 115 -20.87 7.19 12.32
N HIS A 116 -20.98 8.42 11.81
CA HIS A 116 -22.05 8.71 10.86
C HIS A 116 -21.78 8.16 9.45
N TYR A 117 -20.52 7.87 9.09
CA TYR A 117 -20.30 7.13 7.84
C TYR A 117 -20.91 5.75 7.94
N TYR A 118 -20.70 5.10 9.09
CA TYR A 118 -21.34 3.82 9.36
C TYR A 118 -22.86 3.94 9.41
N ALA A 119 -23.36 4.92 10.16
CA ALA A 119 -24.83 5.08 10.28
C ALA A 119 -25.47 5.31 8.92
N MET A 120 -24.87 6.17 8.12
CA MET A 120 -25.43 6.44 6.79
C MET A 120 -25.42 5.20 5.88
N ALA A 121 -24.33 4.45 5.89
CA ALA A 121 -24.26 3.23 5.10
C ALA A 121 -25.28 2.22 5.61
N HIS A 122 -25.42 2.14 6.93
CA HIS A 122 -26.37 1.23 7.58
C HIS A 122 -27.79 1.49 7.07
N TYR A 123 -28.17 2.76 6.99
CA TYR A 123 -29.53 3.09 6.56
C TYR A 123 -29.72 3.08 5.04
N CYS A 124 -28.64 3.33 4.30
CA CYS A 124 -28.73 3.39 2.83
C CYS A 124 -28.58 2.06 2.10
N VAL A 125 -27.69 1.21 2.61
CA VAL A 125 -27.40 -0.06 1.94
C VAL A 125 -28.62 -0.95 1.61
N PRO A 126 -29.63 -1.04 2.50
CA PRO A 126 -30.76 -1.91 2.09
C PRO A 126 -31.42 -1.44 0.80
N HIS A 127 -31.39 -0.13 0.57
CA HIS A 127 -31.97 0.45 -0.63
C HIS A 127 -31.02 0.37 -1.84
N LEU A 128 -29.73 0.55 -1.59
CA LEU A 128 -28.74 0.50 -2.66
C LEU A 128 -28.73 -0.87 -3.33
N LYS A 129 -29.02 -1.91 -2.55
CA LYS A 129 -29.04 -3.26 -3.11
C LYS A 129 -30.01 -3.37 -4.27
N ALA A 130 -31.22 -2.84 -4.08
CA ALA A 130 -32.27 -2.96 -5.07
C ALA A 130 -31.91 -2.30 -6.41
N THR A 131 -31.03 -1.31 -6.37
CA THR A 131 -30.64 -0.57 -7.58
C THR A 131 -29.23 -0.89 -8.04
N ARG A 132 -28.57 -1.82 -7.36
CA ARG A 132 -27.15 -2.09 -7.58
C ARG A 132 -26.36 -0.77 -7.61
N GLY A 133 -26.60 0.05 -6.60
CA GLY A 133 -26.00 1.37 -6.49
C GLY A 133 -24.59 1.35 -5.94
N ALA A 134 -24.12 2.47 -5.41
CA ALA A 134 -22.72 2.56 -5.04
C ALA A 134 -22.51 3.51 -3.89
N ILE A 135 -21.40 3.34 -3.17
CA ILE A 135 -21.03 4.24 -2.09
C ILE A 135 -19.65 4.78 -2.39
N VAL A 136 -19.45 6.08 -2.13
CA VAL A 136 -18.11 6.66 -2.10
C VAL A 136 -17.88 7.25 -0.71
N ASN A 137 -16.79 6.84 -0.08
CA ASN A 137 -16.40 7.41 1.20
C ASN A 137 -15.29 8.40 0.97
N ILE A 138 -15.46 9.65 1.40
CA ILE A 138 -14.35 10.61 1.29
C ILE A 138 -13.49 10.51 2.55
N SER A 139 -12.23 10.13 2.39
CA SER A 139 -11.31 10.02 3.53
C SER A 139 -10.34 11.20 3.55
N SER A 140 -9.09 10.93 3.91
CA SER A 140 -8.08 11.98 3.99
C SER A 140 -6.70 11.37 3.95
N LYS A 141 -5.75 12.09 3.36
CA LYS A 141 -4.39 11.56 3.28
C LYS A 141 -3.83 11.28 4.67
N THR A 142 -4.37 11.98 5.66
CA THR A 142 -3.95 11.84 7.06
C THR A 142 -4.15 10.42 7.59
N ALA A 143 -5.13 9.71 7.01
CA ALA A 143 -5.36 8.29 7.33
C ALA A 143 -4.12 7.45 7.09
N VAL A 144 -3.30 7.84 6.12
CA VAL A 144 -2.10 7.06 5.84
C VAL A 144 -0.80 7.79 6.12
N THR A 145 -0.81 9.14 6.17
CA THR A 145 0.44 9.87 6.37
C THR A 145 0.61 10.33 7.82
N GLY A 146 -0.49 10.33 8.57
CA GLY A 146 -0.49 10.95 9.88
C GLY A 146 -0.40 12.46 9.75
N GLN A 147 -0.48 13.17 10.88
CA GLN A 147 -0.34 14.63 10.88
C GLN A 147 0.34 15.13 12.15
N GLY A 148 -0.07 14.61 13.30
CA GLY A 148 0.68 14.86 14.52
C GLY A 148 -0.10 15.24 15.77
N ASN A 149 -1.23 15.92 15.60
CA ASN A 149 -2.09 16.21 16.77
C ASN A 149 -3.56 16.03 16.43
N THR A 150 -3.85 14.92 15.77
CA THR A 150 -5.23 14.68 15.37
C THR A 150 -5.58 13.18 15.37
N SER A 151 -5.30 12.52 16.51
CA SER A 151 -5.67 11.11 16.67
C SER A 151 -7.13 10.82 16.33
N GLY A 152 -8.05 11.66 16.80
CA GLY A 152 -9.45 11.36 16.60
C GLY A 152 -9.83 11.32 15.14
N TYR A 153 -9.43 12.35 14.41
CA TYR A 153 -9.71 12.45 12.98
C TYR A 153 -8.94 11.42 12.16
N CYS A 154 -7.66 11.26 12.49
CA CYS A 154 -6.85 10.26 11.80
C CYS A 154 -7.46 8.86 11.94
N ALA A 155 -7.80 8.46 13.17
CA ALA A 155 -8.41 7.15 13.41
C ALA A 155 -9.69 7.02 12.59
N SER A 156 -10.48 8.09 12.57
CA SER A 156 -11.76 8.06 11.87
C SER A 156 -11.51 7.86 10.38
N LYS A 157 -10.60 8.66 9.84
CA LYS A 157 -10.35 8.63 8.38
C LYS A 157 -9.77 7.28 7.97
N GLY A 158 -8.94 6.70 8.84
CA GLY A 158 -8.40 5.38 8.57
C GLY A 158 -9.44 4.26 8.66
N ALA A 159 -10.31 4.33 9.67
CA ALA A 159 -11.44 3.39 9.77
C ALA A 159 -12.31 3.48 8.50
N GLN A 160 -12.48 4.68 7.96
CA GLN A 160 -13.26 4.82 6.72
C GLN A 160 -12.64 4.08 5.53
N LEU A 161 -11.31 4.06 5.46
CA LEU A 161 -10.63 3.32 4.40
C LEU A 161 -10.81 1.82 4.63
N ALA A 162 -10.68 1.40 5.87
CA ALA A 162 -10.89 -0.02 6.18
C ALA A 162 -12.33 -0.44 5.88
N LEU A 163 -13.30 0.38 6.26
CA LEU A 163 -14.71 0.07 6.01
C LEU A 163 -15.02 0.03 4.51
N THR A 164 -14.26 0.77 3.72
CA THR A 164 -14.42 0.70 2.28
C THR A 164 -14.11 -0.71 1.78
N ARG A 165 -13.06 -1.32 2.30
CA ARG A 165 -12.71 -2.70 1.92
C ARG A 165 -13.75 -3.66 2.44
N GLU A 166 -14.16 -3.48 3.70
CA GLU A 166 -15.15 -4.36 4.34
C GLU A 166 -16.50 -4.35 3.66
N TRP A 167 -17.00 -3.16 3.35
CA TRP A 167 -18.30 -3.08 2.69
C TRP A 167 -18.22 -3.56 1.26
N ALA A 168 -17.06 -3.37 0.62
CA ALA A 168 -16.87 -3.93 -0.72
C ALA A 168 -17.00 -5.45 -0.68
N VAL A 169 -16.40 -6.09 0.33
CA VAL A 169 -16.58 -7.54 0.46
C VAL A 169 -18.04 -7.88 0.78
N ALA A 170 -18.61 -7.17 1.75
CA ALA A 170 -19.95 -7.47 2.22
C ALA A 170 -20.99 -7.42 1.11
N LEU A 171 -20.81 -6.49 0.16
CA LEU A 171 -21.86 -6.19 -0.81
C LEU A 171 -21.58 -6.74 -2.21
N ARG A 172 -20.51 -7.51 -2.35
CA ARG A 172 -20.04 -7.96 -3.66
C ARG A 172 -21.12 -8.73 -4.42
N GLU A 173 -21.92 -9.52 -3.70
CA GLU A 173 -22.91 -10.37 -4.36
C GLU A 173 -24.18 -9.60 -4.76
N HIS A 174 -24.31 -8.40 -4.22
CA HIS A 174 -25.45 -7.54 -4.55
C HIS A 174 -25.12 -6.53 -5.65
N GLY A 175 -23.88 -6.55 -6.12
CA GLY A 175 -23.44 -5.64 -7.15
C GLY A 175 -23.34 -4.19 -6.70
N VAL A 176 -23.24 -3.97 -5.39
CA VAL A 176 -23.05 -2.62 -4.86
C VAL A 176 -21.57 -2.38 -4.65
N ARG A 177 -21.02 -1.39 -5.33
CA ARG A 177 -19.58 -1.08 -5.21
C ARG A 177 -19.34 -0.02 -4.14
N VAL A 178 -18.17 -0.10 -3.50
CA VAL A 178 -17.85 0.82 -2.41
C VAL A 178 -16.40 1.22 -2.62
N ASN A 179 -16.15 2.51 -2.78
CA ASN A 179 -14.79 3.01 -3.01
C ASN A 179 -14.56 4.25 -2.17
N ALA A 180 -13.30 4.67 -2.06
CA ALA A 180 -12.98 5.84 -1.29
C ALA A 180 -12.17 6.82 -2.14
N VAL A 181 -12.29 8.11 -1.84
CA VAL A 181 -11.43 9.10 -2.45
C VAL A 181 -10.60 9.72 -1.33
N ILE A 182 -9.30 9.83 -1.54
CA ILE A 182 -8.40 10.41 -0.56
C ILE A 182 -7.81 11.72 -1.09
N PRO A 183 -8.31 12.86 -0.58
CA PRO A 183 -7.72 14.16 -0.93
C PRO A 183 -6.59 14.47 0.03
N ALA A 184 -5.77 15.46 -0.32
CA ALA A 184 -4.74 15.94 0.61
C ALA A 184 -4.99 17.38 1.00
N GLU A 185 -4.74 18.29 0.06
CA GLU A 185 -4.97 19.71 0.33
C GLU A 185 -5.94 20.25 -0.70
N VAL A 186 -7.14 20.60 -0.24
CA VAL A 186 -8.19 21.08 -1.13
C VAL A 186 -8.67 22.42 -0.63
N MET A 187 -8.66 23.43 -1.49
CA MET A 187 -9.07 24.73 -1.02
C MET A 187 -10.59 24.80 -1.02
N THR A 188 -11.15 25.11 0.15
CA THR A 188 -12.57 25.34 0.30
C THR A 188 -12.64 26.67 1.02
N PRO A 189 -13.71 27.43 0.84
CA PRO A 189 -13.84 28.70 1.58
C PRO A 189 -13.73 28.50 3.09
N LEU A 190 -14.08 27.31 3.56
CA LEU A 190 -14.02 26.98 4.99
C LEU A 190 -12.57 26.80 5.46
N TYR A 191 -11.77 26.09 4.65
CA TYR A 191 -10.33 26.00 4.86
C TYR A 191 -9.79 27.42 4.87
N ARG A 192 -10.33 28.24 3.97
CA ARG A 192 -9.95 29.65 3.92
C ARG A 192 -10.38 30.40 5.18
N ASN A 193 -11.48 29.96 5.78
CA ASN A 193 -11.97 30.57 7.03
C ASN A 193 -11.29 29.96 8.26
N TRP A 194 -10.26 29.16 8.01
CA TRP A 194 -9.38 28.67 9.05
C TRP A 194 -8.01 29.32 8.87
N ILE A 195 -7.56 29.38 7.61
CA ILE A 195 -6.33 30.08 7.24
C ILE A 195 -6.41 31.56 7.60
N ALA A 196 -7.61 32.12 7.51
CA ALA A 196 -7.86 33.52 7.87
C ALA A 196 -7.29 33.92 9.23
N THR A 197 -7.23 32.96 10.15
CA THR A 197 -6.82 33.20 11.53
C THR A 197 -5.33 33.50 11.73
N PHE A 198 -4.53 33.32 10.69
CA PHE A 198 -3.07 33.45 10.84
C PHE A 198 -2.52 34.87 10.62
N GLU A 199 -1.39 35.17 11.25
CA GLU A 199 -0.79 36.51 11.19
C GLU A 199 -0.46 36.91 9.74
N ASP A 200 0.06 35.95 8.98
CA ASP A 200 0.28 36.17 7.55
C ASP A 200 -0.42 35.06 6.77
N PRO A 201 -1.73 35.21 6.54
CA PRO A 201 -2.63 34.20 5.97
C PRO A 201 -2.19 33.70 4.60
N GLU A 202 -1.57 34.58 3.82
CA GLU A 202 -1.12 34.18 2.48
C GLU A 202 0.22 33.46 2.53
N ALA A 203 1.07 33.81 3.49
CA ALA A 203 2.33 33.11 3.70
C ALA A 203 2.08 31.70 4.22
N LYS A 204 1.02 31.53 4.99
CA LYS A 204 0.61 30.21 5.46
C LYS A 204 0.07 29.39 4.29
N LEU A 205 -0.81 29.99 3.50
CA LEU A 205 -1.34 29.32 2.30
C LEU A 205 -0.17 28.87 1.44
N ALA A 206 0.81 29.75 1.28
CA ALA A 206 1.98 29.47 0.46
C ALA A 206 2.82 28.31 0.99
N GLU A 207 2.99 28.23 2.31
CA GLU A 207 3.80 27.17 2.92
C GLU A 207 3.15 25.81 2.65
N ILE A 208 1.82 25.77 2.70
CA ILE A 208 1.09 24.53 2.45
C ILE A 208 1.12 24.14 0.98
N ALA A 209 0.83 25.09 0.09
CA ALA A 209 0.76 24.78 -1.33
C ALA A 209 2.12 24.36 -1.90
N ALA A 210 3.19 24.89 -1.32
CA ALA A 210 4.55 24.58 -1.78
C ALA A 210 4.88 23.10 -1.66
N LYS A 211 4.15 22.40 -0.79
CA LYS A 211 4.41 20.98 -0.56
C LYS A 211 3.71 20.06 -1.56
N VAL A 212 2.80 20.59 -2.38
CA VAL A 212 2.07 19.72 -3.31
C VAL A 212 2.86 19.54 -4.60
N PRO A 213 3.28 18.30 -4.90
CA PRO A 213 4.21 18.10 -6.03
C PRO A 213 3.70 18.63 -7.39
N LEU A 214 2.46 18.35 -7.73
CA LEU A 214 1.94 18.75 -9.04
C LEU A 214 1.44 20.19 -9.05
N GLY A 215 2.29 21.09 -9.49
CA GLY A 215 1.92 22.49 -9.67
C GLY A 215 2.03 23.35 -8.42
N ARG A 216 2.45 22.74 -7.31
CA ARG A 216 2.59 23.48 -6.06
C ARG A 216 1.36 24.31 -5.74
N ARG A 217 0.20 23.67 -5.83
CA ARG A 217 -1.07 24.33 -5.61
C ARG A 217 -2.05 23.37 -4.97
N PHE A 218 -3.11 23.90 -4.36
CA PHE A 218 -4.16 23.06 -3.79
C PHE A 218 -4.96 22.38 -4.89
N THR A 219 -5.42 21.16 -4.59
CA THR A 219 -6.40 20.49 -5.42
C THR A 219 -7.69 21.29 -5.33
N THR A 220 -8.52 21.30 -6.38
CA THR A 220 -9.82 21.95 -6.31
C THR A 220 -10.93 20.97 -5.91
N PRO A 221 -12.02 21.49 -5.32
CA PRO A 221 -13.14 20.60 -5.02
C PRO A 221 -13.67 19.89 -6.28
N ASP A 222 -13.67 20.56 -7.42
CA ASP A 222 -14.13 19.92 -8.65
C ASP A 222 -13.26 18.72 -9.02
N GLU A 223 -11.95 18.82 -8.79
CA GLU A 223 -11.07 17.69 -9.07
C GLU A 223 -11.41 16.48 -8.19
N ILE A 224 -11.66 16.72 -6.91
CA ILE A 224 -12.12 15.63 -6.05
C ILE A 224 -13.46 15.11 -6.56
N ALA A 225 -14.36 16.02 -6.90
CA ALA A 225 -15.72 15.65 -7.29
C ALA A 225 -15.74 14.77 -8.53
N ASP A 226 -14.89 15.09 -9.51
CA ASP A 226 -14.95 14.35 -10.76
C ASP A 226 -14.54 12.89 -10.61
N THR A 227 -13.58 12.61 -9.74
CA THR A 227 -13.19 11.23 -9.47
C THR A 227 -14.28 10.54 -8.64
N ALA A 228 -14.83 11.25 -7.66
CA ALA A 228 -15.89 10.67 -6.85
C ALA A 228 -17.12 10.28 -7.68
N VAL A 229 -17.53 11.16 -8.59
CA VAL A 229 -18.74 10.87 -9.38
C VAL A 229 -18.45 9.77 -10.40
N PHE A 230 -17.24 9.74 -10.93
CA PHE A 230 -16.83 8.63 -11.81
C PHE A 230 -17.01 7.32 -11.06
N LEU A 231 -16.57 7.29 -9.80
CA LEU A 231 -16.67 6.07 -8.98
C LEU A 231 -18.09 5.64 -8.67
N LEU A 232 -19.02 6.59 -8.66
CA LEU A 232 -20.43 6.28 -8.44
C LEU A 232 -21.06 5.63 -9.66
N SER A 233 -20.46 5.86 -10.83
CA SER A 233 -21.09 5.50 -12.10
C SER A 233 -20.70 4.09 -12.55
N PRO A 234 -21.50 3.49 -13.44
CA PRO A 234 -21.13 2.19 -14.03
C PRO A 234 -19.91 2.26 -14.94
N ARG A 235 -19.32 3.44 -15.17
CA ARG A 235 -18.04 3.47 -15.86
C ARG A 235 -16.94 2.82 -15.01
N ALA A 236 -17.19 2.73 -13.71
CA ALA A 236 -16.26 2.09 -12.78
C ALA A 236 -16.87 0.79 -12.27
N SER A 237 -17.55 0.08 -13.16
CA SER A 237 -18.32 -1.12 -12.80
C SER A 237 -17.53 -2.34 -12.27
N HIS A 238 -16.20 -2.35 -12.42
CA HIS A 238 -15.42 -3.41 -11.78
C HIS A 238 -14.40 -2.86 -10.79
N THR A 239 -14.64 -1.64 -10.34
CA THR A 239 -13.83 -1.05 -9.29
C THR A 239 -14.59 -1.08 -7.99
N THR A 240 -14.09 -1.85 -7.04
CA THR A 240 -14.69 -1.88 -5.71
C THR A 240 -13.62 -2.15 -4.66
N GLY A 241 -13.78 -1.52 -3.50
CA GLY A 241 -12.85 -1.63 -2.41
C GLY A 241 -11.65 -0.71 -2.52
N GLU A 242 -11.62 0.12 -3.56
CA GLU A 242 -10.40 0.89 -3.86
C GLU A 242 -10.32 2.25 -3.16
N TRP A 243 -9.08 2.70 -2.93
CA TRP A 243 -8.83 4.02 -2.37
C TRP A 243 -8.15 4.83 -3.47
N LEU A 244 -8.84 5.84 -4.01
CA LEU A 244 -8.27 6.63 -5.10
C LEU A 244 -7.70 7.93 -4.54
N PHE A 245 -6.40 8.12 -4.69
CA PHE A 245 -5.73 9.30 -4.18
C PHE A 245 -5.83 10.38 -5.23
N VAL A 246 -6.42 11.51 -4.88
CA VAL A 246 -6.54 12.64 -5.79
C VAL A 246 -5.89 13.77 -5.03
N ASP A 247 -4.58 13.91 -5.22
CA ASP A 247 -3.82 14.73 -4.27
C ASP A 247 -2.58 15.40 -4.84
N GLY A 248 -2.44 15.46 -6.15
CA GLY A 248 -1.32 16.15 -6.75
C GLY A 248 0.02 15.51 -6.43
N GLY A 249 0.01 14.25 -5.98
CA GLY A 249 1.25 13.55 -5.68
C GLY A 249 1.68 13.62 -4.23
N TYR A 250 0.83 14.23 -3.40
CA TYR A 250 1.14 14.46 -1.99
C TYR A 250 1.57 13.22 -1.22
N THR A 251 0.80 12.14 -1.34
CA THR A 251 1.05 10.96 -0.53
C THR A 251 2.22 10.13 -1.03
N HIS A 252 2.34 10.01 -2.36
CA HIS A 252 3.22 8.98 -2.91
C HIS A 252 4.52 9.44 -3.56
N LEU A 253 4.65 10.73 -3.84
CA LEU A 253 5.88 11.17 -4.50
C LEU A 253 6.93 11.66 -3.51
N ASP A 254 8.19 11.42 -3.86
CA ASP A 254 9.36 11.75 -3.03
C ASP A 254 9.20 13.04 -2.22
N ARG A 255 9.30 12.92 -0.89
CA ARG A 255 9.19 14.08 0.00
C ARG A 255 10.28 15.11 -0.27
N ALA A 256 11.40 14.66 -0.86
CA ALA A 256 12.53 15.54 -1.11
C ALA A 256 12.34 16.52 -2.28
N LEU A 257 11.37 16.24 -3.15
CA LEU A 257 11.15 17.12 -4.30
C LEU A 257 10.68 18.52 -3.87
N VAL A 258 11.00 19.51 -4.69
CA VAL A 258 10.49 20.86 -4.49
C VAL A 258 9.53 21.18 -5.64
N MET B 1 21.26 -12.19 18.41
CA MET B 1 21.10 -10.73 18.30
C MET B 1 20.57 -10.15 19.61
N ASP B 2 21.37 -9.27 20.20
CA ASP B 2 21.02 -8.61 21.45
C ASP B 2 20.02 -7.50 21.16
N LEU B 3 18.80 -7.63 21.68
CA LEU B 3 17.77 -6.65 21.42
C LEU B 3 17.86 -5.47 22.38
N ASN B 4 18.79 -5.55 23.33
CA ASN B 4 18.95 -4.51 24.34
C ASN B 4 17.66 -4.15 25.07
N LEU B 5 16.92 -5.18 25.48
CA LEU B 5 15.66 -4.99 26.21
C LEU B 5 15.77 -5.35 27.69
N GLN B 6 16.98 -5.60 28.18
CA GLN B 6 17.16 -5.99 29.56
C GLN B 6 16.59 -4.94 30.54
N ASP B 7 15.72 -5.42 31.44
CA ASP B 7 15.06 -4.58 32.44
C ASP B 7 14.20 -3.48 31.87
N LYS B 8 13.82 -3.60 30.60
CA LYS B 8 12.89 -2.66 30.00
C LYS B 8 11.47 -3.05 30.39
N VAL B 9 10.71 -2.08 30.88
CA VAL B 9 9.36 -2.36 31.38
C VAL B 9 8.33 -2.15 30.26
N VAL B 10 7.60 -3.21 29.91
CA VAL B 10 6.70 -3.16 28.77
C VAL B 10 5.32 -3.68 29.16
N ILE B 11 4.30 -2.84 29.01
CA ILE B 11 2.93 -3.27 29.24
C ILE B 11 2.39 -4.01 28.02
N VAL B 12 1.80 -5.18 28.22
CA VAL B 12 1.20 -5.94 27.14
C VAL B 12 -0.28 -6.16 27.45
N THR B 13 -1.17 -5.53 26.68
CA THR B 13 -2.61 -5.66 26.95
C THR B 13 -3.13 -6.97 26.38
N GLY B 14 -3.99 -7.65 27.14
CA GLY B 14 -4.36 -9.02 26.79
C GLY B 14 -3.12 -9.92 26.73
N GLY B 15 -2.18 -9.68 27.64
CA GLY B 15 -0.86 -10.30 27.53
C GLY B 15 -0.64 -11.63 28.22
N ALA B 16 -1.70 -12.37 28.52
CA ALA B 16 -1.57 -13.66 29.21
C ALA B 16 -2.09 -14.82 28.39
N SER B 17 -2.50 -14.56 27.15
CA SER B 17 -3.15 -15.55 26.32
C SER B 17 -2.82 -15.30 24.86
N GLY B 18 -2.76 -16.36 24.06
CA GLY B 18 -2.61 -16.21 22.61
C GLY B 18 -1.40 -15.40 22.20
N ILE B 19 -1.61 -14.48 21.26
CA ILE B 19 -0.53 -13.60 20.79
C ILE B 19 0.08 -12.79 21.93
N GLY B 20 -0.76 -12.19 22.76
CA GLY B 20 -0.27 -11.37 23.85
C GLY B 20 0.58 -12.15 24.84
N GLY B 21 0.15 -13.35 25.18
CA GLY B 21 0.91 -14.22 26.08
C GLY B 21 2.27 -14.56 25.50
N ALA B 22 2.31 -14.82 24.19
CA ALA B 22 3.56 -15.14 23.52
C ALA B 22 4.52 -13.96 23.53
N ILE B 23 3.97 -12.76 23.34
CA ILE B 23 4.78 -11.53 23.42
C ILE B 23 5.34 -11.33 24.84
N SER B 24 4.51 -11.55 25.86
CA SER B 24 4.97 -11.40 27.24
C SER B 24 6.08 -12.41 27.54
N MET B 25 5.91 -13.63 27.07
CA MET B 25 6.88 -14.68 27.35
C MET B 25 8.20 -14.36 26.64
N ARG B 26 8.11 -13.90 25.39
CA ARG B 26 9.30 -13.54 24.63
C ARG B 26 10.03 -12.36 25.28
N LEU B 27 9.27 -11.38 25.74
CA LEU B 27 9.86 -10.25 26.48
C LEU B 27 10.67 -10.74 27.67
N ALA B 28 10.09 -11.66 28.46
CA ALA B 28 10.78 -12.21 29.63
C ALA B 28 12.07 -12.94 29.21
N GLU B 29 12.00 -13.67 28.10
CA GLU B 29 13.17 -14.37 27.58
C GLU B 29 14.29 -13.42 27.15
N GLU B 30 13.93 -12.22 26.70
CA GLU B 30 14.90 -11.20 26.31
C GLU B 30 15.32 -10.34 27.50
N ARG B 31 14.93 -10.79 28.69
CA ARG B 31 15.29 -10.17 29.97
C ARG B 31 14.57 -8.84 30.22
N ALA B 32 13.55 -8.57 29.42
CA ALA B 32 12.66 -7.44 29.64
C ALA B 32 11.71 -7.75 30.81
N ILE B 33 10.95 -6.76 31.25
CA ILE B 33 9.99 -6.99 32.33
C ILE B 33 8.58 -6.77 31.77
N PRO B 34 7.91 -7.86 31.41
CA PRO B 34 6.55 -7.66 30.90
C PRO B 34 5.57 -7.40 32.04
N VAL B 35 4.59 -6.54 31.75
CA VAL B 35 3.56 -6.17 32.72
C VAL B 35 2.24 -6.49 32.04
N VAL B 36 1.58 -7.54 32.50
CA VAL B 36 0.37 -8.01 31.83
C VAL B 36 -0.87 -7.26 32.29
N PHE B 37 -1.58 -6.59 31.37
CA PHE B 37 -2.88 -6.01 31.67
C PHE B 37 -3.92 -6.93 31.03
N ALA B 38 -4.76 -7.57 31.83
CA ALA B 38 -5.78 -8.46 31.29
C ALA B 38 -6.99 -8.56 32.19
N ARG B 39 -8.12 -8.91 31.60
CA ARG B 39 -9.39 -8.97 32.28
C ARG B 39 -9.45 -10.17 33.22
N HIS B 40 -8.88 -11.29 32.79
CA HIS B 40 -8.93 -12.51 33.56
C HIS B 40 -7.57 -12.84 34.15
N ALA B 41 -7.57 -13.39 35.36
CA ALA B 41 -6.33 -13.88 35.96
C ALA B 41 -5.73 -14.93 35.02
N PRO B 42 -4.43 -14.80 34.74
CA PRO B 42 -3.70 -15.72 33.85
C PRO B 42 -3.62 -17.13 34.44
N ASP B 43 -3.36 -18.13 33.59
CA ASP B 43 -3.11 -19.50 34.04
C ASP B 43 -1.97 -19.53 35.05
N GLY B 44 -2.07 -20.42 36.03
CA GLY B 44 -0.99 -20.63 36.98
C GLY B 44 0.29 -21.05 36.28
N ALA B 45 0.14 -21.94 35.30
CA ALA B 45 1.29 -22.42 34.53
C ALA B 45 1.95 -21.30 33.74
N PHE B 46 1.14 -20.39 33.20
CA PHE B 46 1.67 -19.22 32.50
C PHE B 46 2.45 -18.33 33.46
N LEU B 47 1.87 -18.09 34.63
CA LEU B 47 2.53 -17.25 35.64
C LEU B 47 3.82 -17.88 36.13
N ASP B 48 3.79 -19.21 36.31
CA ASP B 48 4.98 -19.93 36.77
C ASP B 48 6.10 -19.84 35.76
N ALA B 49 5.77 -20.03 34.49
CA ALA B 49 6.76 -19.98 33.41
C ALA B 49 7.30 -18.56 33.25
N LEU B 50 6.41 -17.58 33.38
CA LEU B 50 6.80 -16.19 33.27
C LEU B 50 7.77 -15.81 34.39
N ALA B 51 7.41 -16.16 35.62
CA ALA B 51 8.23 -15.84 36.78
C ALA B 51 9.57 -16.56 36.74
N GLN B 52 9.54 -17.77 36.18
CA GLN B 52 10.75 -18.57 36.01
C GLN B 52 11.80 -17.79 35.19
N ARG B 53 11.34 -17.10 34.15
CA ARG B 53 12.24 -16.35 33.27
C ARG B 53 12.47 -14.93 33.77
N GLN B 54 11.42 -14.32 34.32
CA GLN B 54 11.48 -12.95 34.82
C GLN B 54 10.69 -12.80 36.12
N PRO B 55 11.37 -12.94 37.27
CA PRO B 55 10.72 -12.83 38.58
C PRO B 55 10.02 -11.49 38.81
N ARG B 56 10.43 -10.45 38.11
CA ARG B 56 9.84 -9.12 38.29
C ARG B 56 8.59 -8.85 37.45
N ALA B 57 8.27 -9.77 36.54
CA ALA B 57 7.08 -9.61 35.67
C ALA B 57 5.84 -9.54 36.56
N THR B 58 4.87 -8.72 36.16
CA THR B 58 3.67 -8.55 36.96
C THR B 58 2.41 -8.76 36.16
N TYR B 59 1.30 -8.97 36.86
CA TYR B 59 0.00 -9.02 36.24
C TYR B 59 -0.94 -8.11 37.01
N LEU B 60 -1.73 -7.33 36.29
CA LEU B 60 -2.71 -6.46 36.91
C LEU B 60 -4.05 -6.74 36.24
N PRO B 61 -5.08 -6.97 37.05
CA PRO B 61 -6.41 -7.15 36.47
C PRO B 61 -6.93 -5.81 35.97
N VAL B 62 -7.26 -5.75 34.69
CA VAL B 62 -7.70 -4.52 34.08
C VAL B 62 -8.81 -4.82 33.07
N GLU B 63 -9.94 -4.16 33.22
CA GLU B 63 -10.94 -4.11 32.15
C GLU B 63 -10.60 -2.90 31.30
N LEU B 64 -10.07 -3.13 30.10
CA LEU B 64 -9.51 -2.04 29.30
C LEU B 64 -10.56 -1.05 28.82
N GLN B 65 -11.82 -1.46 28.80
CA GLN B 65 -12.89 -0.54 28.39
C GLN B 65 -13.23 0.50 29.46
N ASP B 66 -12.68 0.31 30.66
CA ASP B 66 -12.86 1.23 31.78
C ASP B 66 -11.66 2.19 31.81
N ASP B 67 -11.89 3.44 31.41
CA ASP B 67 -10.79 4.40 31.28
C ASP B 67 -10.03 4.59 32.58
N ALA B 68 -10.76 4.61 33.69
CA ALA B 68 -10.15 4.80 35.00
C ALA B 68 -9.25 3.62 35.37
N GLN B 69 -9.63 2.41 34.95
CA GLN B 69 -8.79 1.25 35.26
C GLN B 69 -7.51 1.27 34.44
N CYS B 70 -7.60 1.71 33.20
CA CYS B 70 -6.39 1.92 32.39
C CYS B 70 -5.48 2.94 33.08
N ARG B 71 -6.06 4.07 33.45
CA ARG B 71 -5.32 5.13 34.12
C ARG B 71 -4.60 4.61 35.35
N ASP B 72 -5.37 3.93 36.21
CA ASP B 72 -4.85 3.52 37.51
C ASP B 72 -3.83 2.41 37.39
N ALA B 73 -3.99 1.55 36.40
CA ALA B 73 -3.06 0.44 36.22
C ALA B 73 -1.72 0.94 35.68
N VAL B 74 -1.77 1.91 34.77
CA VAL B 74 -0.53 2.56 34.34
C VAL B 74 0.14 3.25 35.53
N ALA B 75 -0.65 3.95 36.34
CA ALA B 75 -0.10 4.61 37.53
C ALA B 75 0.57 3.61 38.48
N GLN B 76 -0.06 2.46 38.70
CA GLN B 76 0.52 1.45 39.58
C GLN B 76 1.82 0.88 39.01
N THR B 77 1.86 0.71 37.70
CA THR B 77 3.07 0.23 37.03
C THR B 77 4.21 1.23 37.21
N ILE B 78 3.91 2.51 37.03
CA ILE B 78 4.93 3.54 37.26
C ILE B 78 5.41 3.55 38.72
N ALA B 79 4.48 3.39 39.65
CA ALA B 79 4.82 3.33 41.07
C ALA B 79 5.77 2.19 41.40
N THR B 80 5.55 1.05 40.75
CA THR B 80 6.34 -0.14 40.99
C THR B 80 7.73 -0.07 40.36
N PHE B 81 7.79 0.39 39.12
CA PHE B 81 9.03 0.35 38.33
C PHE B 81 9.72 1.69 38.13
N GLY B 82 8.96 2.79 38.23
CA GLY B 82 9.52 4.12 38.08
C GLY B 82 9.75 4.54 36.64
N ARG B 83 9.36 3.67 35.70
CA ARG B 83 9.63 3.91 34.29
C ARG B 83 8.75 3.01 33.44
N LEU B 84 8.56 3.41 32.19
CA LEU B 84 7.90 2.56 31.20
C LEU B 84 8.67 2.64 29.90
N ASP B 85 8.97 1.48 29.32
CA ASP B 85 9.79 1.42 28.10
C ASP B 85 9.01 0.98 26.88
N GLY B 86 7.87 0.36 27.07
CA GLY B 86 7.13 -0.14 25.94
C GLY B 86 5.66 -0.34 26.24
N LEU B 87 4.86 -0.24 25.20
CA LEU B 87 3.44 -0.59 25.26
C LEU B 87 3.13 -1.45 24.06
N VAL B 88 2.55 -2.62 24.32
CA VAL B 88 1.98 -3.44 23.25
C VAL B 88 0.48 -3.44 23.41
N ASN B 89 -0.21 -2.76 22.49
CA ASN B 89 -1.65 -2.79 22.42
C ASN B 89 -2.04 -4.05 21.66
N ASN B 90 -2.67 -4.99 22.34
CA ASN B 90 -2.94 -6.30 21.73
C ASN B 90 -4.36 -6.82 21.95
N ALA B 91 -5.00 -6.46 23.07
CA ALA B 91 -6.34 -6.97 23.36
C ALA B 91 -7.35 -6.61 22.27
N GLY B 92 -8.20 -7.56 21.92
CA GLY B 92 -9.22 -7.29 20.91
C GLY B 92 -10.04 -8.54 20.68
N VAL B 93 -11.13 -8.39 19.94
CA VAL B 93 -11.99 -9.51 19.63
C VAL B 93 -12.73 -9.19 18.33
N ASN B 94 -12.77 -10.16 17.41
CA ASN B 94 -13.57 -10.01 16.21
C ASN B 94 -14.99 -10.40 16.58
N ASP B 95 -15.83 -9.38 16.77
CA ASP B 95 -17.15 -9.56 17.36
C ASP B 95 -18.27 -9.61 16.33
N GLY B 96 -17.92 -9.63 15.05
CA GLY B 96 -18.91 -9.92 14.02
C GLY B 96 -20.08 -8.95 13.91
N ILE B 97 -19.79 -7.67 14.11
CA ILE B 97 -20.83 -6.63 14.01
C ILE B 97 -20.90 -6.16 12.55
N GLY B 98 -21.96 -6.55 11.85
CA GLY B 98 -22.08 -6.19 10.44
C GLY B 98 -22.65 -4.82 10.18
N LEU B 99 -22.84 -4.48 8.91
CA LEU B 99 -23.41 -3.18 8.54
C LEU B 99 -24.87 -3.09 8.96
N ASP B 100 -25.52 -4.25 9.12
CA ASP B 100 -26.94 -4.28 9.51
C ASP B 100 -27.17 -4.15 11.01
N ALA B 101 -26.09 -4.15 11.80
CA ALA B 101 -26.23 -4.18 13.24
C ALA B 101 -26.69 -2.87 13.90
N GLY B 102 -26.26 -1.73 13.33
CA GLY B 102 -26.69 -0.44 13.83
C GLY B 102 -25.71 0.23 14.77
N ARG B 103 -25.99 1.48 15.10
CA ARG B 103 -25.07 2.34 15.84
C ARG B 103 -24.55 1.75 17.16
N ASP B 104 -25.47 1.30 18.02
CA ASP B 104 -25.06 0.85 19.35
C ASP B 104 -24.06 -0.31 19.30
N ALA B 105 -24.32 -1.27 18.41
CA ALA B 105 -23.44 -2.42 18.26
C ALA B 105 -22.09 -2.00 17.70
N PHE B 106 -22.10 -1.08 16.73
CA PHE B 106 -20.89 -0.60 16.11
C PHE B 106 -20.00 0.12 17.13
N VAL B 107 -20.62 1.00 17.92
CA VAL B 107 -19.85 1.77 18.90
C VAL B 107 -19.31 0.84 19.99
N ALA B 108 -20.10 -0.16 20.37
CA ALA B 108 -19.64 -1.12 21.36
C ALA B 108 -18.42 -1.89 20.85
N SER B 109 -18.39 -2.17 19.55
CA SER B 109 -17.24 -2.83 18.96
C SER B 109 -16.00 -1.93 18.99
N LEU B 110 -16.20 -0.63 18.75
CA LEU B 110 -15.10 0.33 18.83
C LEU B 110 -14.54 0.35 20.26
N GLU B 111 -15.43 0.25 21.22
CA GLU B 111 -15.00 0.25 22.64
C GLU B 111 -14.16 -0.99 22.94
N ARG B 112 -14.55 -2.14 22.38
CA ARG B 112 -13.86 -3.41 22.64
C ARG B 112 -12.52 -3.50 21.96
N ASN B 113 -12.31 -2.67 20.94
CA ASN B 113 -11.11 -2.80 20.12
C ASN B 113 -10.30 -1.51 20.00
N LEU B 114 -10.88 -0.52 19.34
CA LEU B 114 -10.15 0.70 19.04
C LEU B 114 -9.89 1.60 20.25
N ILE B 115 -10.91 1.84 21.05
CA ILE B 115 -10.87 2.98 21.97
C ILE B 115 -9.84 2.77 23.09
N HIS B 116 -9.64 1.53 23.52
CA HIS B 116 -8.62 1.29 24.54
C HIS B 116 -7.18 1.30 24.00
N TYR B 117 -7.00 1.11 22.69
CA TYR B 117 -5.65 1.33 22.14
C TYR B 117 -5.29 2.78 22.32
N TYR B 118 -6.26 3.67 22.04
CA TYR B 118 -6.03 5.09 22.23
C TYR B 118 -5.84 5.39 23.72
N ALA B 119 -6.72 4.84 24.57
CA ALA B 119 -6.62 5.13 26.01
C ALA B 119 -5.25 4.72 26.56
N MET B 120 -4.82 3.53 26.19
CA MET B 120 -3.53 3.04 26.67
C MET B 120 -2.37 3.91 26.19
N ALA B 121 -2.39 4.33 24.92
CA ALA B 121 -1.32 5.20 24.42
C ALA B 121 -1.35 6.56 25.14
N HIS B 122 -2.57 7.06 25.36
CA HIS B 122 -2.79 8.30 26.09
C HIS B 122 -2.13 8.26 27.46
N TYR B 123 -2.31 7.17 28.19
CA TYR B 123 -1.73 7.08 29.55
C TYR B 123 -0.26 6.66 29.56
N CYS B 124 0.18 5.93 28.53
CA CYS B 124 1.57 5.44 28.49
C CYS B 124 2.58 6.40 27.86
N VAL B 125 2.16 7.08 26.79
CA VAL B 125 3.10 7.93 26.04
C VAL B 125 3.87 8.98 26.89
N PRO B 126 3.20 9.62 27.89
CA PRO B 126 4.00 10.58 28.68
C PRO B 126 5.22 9.96 29.35
N HIS B 127 5.13 8.67 29.68
CA HIS B 127 6.25 7.96 30.29
C HIS B 127 7.23 7.41 29.26
N LEU B 128 6.72 6.99 28.11
CA LEU B 128 7.58 6.46 27.05
C LEU B 128 8.54 7.54 26.56
N LYS B 129 8.11 8.79 26.59
CA LYS B 129 9.01 9.87 26.15
C LYS B 129 10.31 9.93 26.94
N ALA B 130 10.22 9.75 28.26
CA ALA B 130 11.40 9.81 29.12
C ALA B 130 12.42 8.72 28.82
N THR B 131 11.95 7.58 28.30
CA THR B 131 12.84 6.45 28.08
C THR B 131 13.14 6.19 26.61
N ARG B 132 12.66 7.07 25.74
N ARG B 132 12.66 7.07 25.74
CA ARG B 132 12.72 6.84 24.29
CA ARG B 132 12.68 6.85 24.29
C ARG B 132 12.19 5.43 23.97
C ARG B 132 12.19 5.44 23.97
N GLY B 133 11.05 5.10 24.55
CA GLY B 133 10.45 3.78 24.41
C GLY B 133 9.71 3.57 23.11
N ALA B 134 8.86 2.56 23.06
CA ALA B 134 8.25 2.22 21.79
C ALA B 134 6.86 1.65 21.99
N ILE B 135 6.06 1.72 20.93
CA ILE B 135 4.72 1.16 20.94
C ILE B 135 4.61 0.17 19.78
N VAL B 136 3.98 -0.96 20.03
CA VAL B 136 3.57 -1.85 18.93
C VAL B 136 2.07 -2.06 19.05
N ASN B 137 1.36 -1.81 17.95
CA ASN B 137 -0.09 -2.05 17.87
C ASN B 137 -0.34 -3.31 17.08
N ILE B 138 -1.04 -4.28 17.67
CA ILE B 138 -1.39 -5.49 16.94
C ILE B 138 -2.73 -5.23 16.24
N SER B 139 -2.72 -5.30 14.91
CA SER B 139 -3.93 -5.04 14.13
C SER B 139 -4.40 -6.37 13.56
N SER B 140 -4.82 -6.39 12.29
CA SER B 140 -5.41 -7.60 11.70
C SER B 140 -5.43 -7.41 10.21
N LYS B 141 -5.25 -8.49 9.45
CA LYS B 141 -5.32 -8.36 8.00
C LYS B 141 -6.67 -7.81 7.55
N THR B 142 -7.70 -8.03 8.37
CA THR B 142 -9.06 -7.57 8.06
C THR B 142 -9.13 -6.06 7.88
N ALA B 143 -8.22 -5.33 8.52
CA ALA B 143 -8.12 -3.88 8.33
C ALA B 143 -7.89 -3.49 6.88
N VAL B 144 -7.20 -4.35 6.13
CA VAL B 144 -6.98 -4.03 4.72
C VAL B 144 -7.71 -4.95 3.75
N THR B 145 -8.09 -6.15 4.19
CA THR B 145 -8.73 -7.10 3.27
C THR B 145 -10.25 -7.11 3.35
N GLY B 146 -10.78 -6.58 4.46
CA GLY B 146 -12.18 -6.77 4.76
C GLY B 146 -12.43 -8.24 5.12
N GLN B 147 -13.67 -8.57 5.47
CA GLN B 147 -14.02 -9.95 5.78
C GLN B 147 -15.48 -10.21 5.41
N GLY B 148 -16.37 -9.29 5.74
CA GLY B 148 -17.73 -9.37 5.23
C GLY B 148 -18.87 -9.10 6.19
N ASN B 149 -18.69 -9.44 7.46
CA ASN B 149 -19.69 -9.08 8.48
C ASN B 149 -19.05 -8.66 9.77
N THR B 150 -18.12 -7.73 9.67
CA THR B 150 -17.41 -7.29 10.86
C THR B 150 -16.97 -5.82 10.74
N SER B 151 -17.91 -4.95 10.37
CA SER B 151 -17.64 -3.50 10.30
C SER B 151 -16.98 -2.96 11.57
N GLY B 152 -17.46 -3.38 12.73
CA GLY B 152 -16.96 -2.81 13.98
C GLY B 152 -15.48 -3.08 14.19
N TYR B 153 -15.11 -4.34 14.01
CA TYR B 153 -13.73 -4.80 14.20
C TYR B 153 -12.83 -4.31 13.06
N CYS B 154 -13.33 -4.38 11.84
CA CYS B 154 -12.58 -3.89 10.70
C CYS B 154 -12.26 -2.40 10.87
N ALA B 155 -13.27 -1.60 11.20
CA ALA B 155 -13.05 -0.17 11.43
C ALA B 155 -12.00 0.04 12.51
N SER B 156 -12.13 -0.73 13.59
CA SER B 156 -11.20 -0.60 14.71
C SER B 156 -9.78 -0.92 14.27
N LYS B 157 -9.61 -2.02 13.55
CA LYS B 157 -8.27 -2.48 13.19
C LYS B 157 -7.63 -1.53 12.18
N GLY B 158 -8.44 -0.96 11.30
CA GLY B 158 -7.95 0.02 10.35
C GLY B 158 -7.57 1.33 11.02
N ALA B 159 -8.39 1.78 11.97
CA ALA B 159 -8.04 2.95 12.79
C ALA B 159 -6.72 2.74 13.53
N GLN B 160 -6.47 1.51 13.98
CA GLN B 160 -5.21 1.21 14.66
C GLN B 160 -4.00 1.37 13.73
N LEU B 161 -4.15 1.05 12.45
CA LEU B 161 -3.07 1.26 11.49
C LEU B 161 -2.86 2.74 11.25
N ALA B 162 -3.97 3.47 11.12
CA ALA B 162 -3.88 4.91 10.90
C ALA B 162 -3.21 5.60 12.09
N LEU B 163 -3.57 5.17 13.30
CA LEU B 163 -3.00 5.75 14.52
C LEU B 163 -1.52 5.41 14.65
N THR B 164 -1.13 4.30 14.08
CA THR B 164 0.29 3.94 14.06
C THR B 164 1.09 4.99 13.31
N ARG B 165 0.55 5.47 12.19
CA ARG B 165 1.21 6.53 11.42
C ARG B 165 1.14 7.85 12.18
N GLU B 166 -0.04 8.17 12.70
CA GLU B 166 -0.24 9.40 13.44
C GLU B 166 0.69 9.53 14.63
N TRP B 167 0.81 8.47 15.42
CA TRP B 167 1.60 8.56 16.65
C TRP B 167 3.08 8.57 16.30
N ALA B 168 3.45 7.90 15.23
CA ALA B 168 4.83 7.94 14.76
C ALA B 168 5.23 9.38 14.43
N VAL B 169 4.35 10.11 13.76
CA VAL B 169 4.61 11.51 13.47
C VAL B 169 4.67 12.32 14.77
N ALA B 170 3.67 12.11 15.62
CA ALA B 170 3.52 12.90 16.85
C ALA B 170 4.72 12.76 17.77
N LEU B 171 5.31 11.57 17.79
CA LEU B 171 6.34 11.27 18.78
C LEU B 171 7.76 11.28 18.23
N ARG B 172 7.91 11.61 16.95
CA ARG B 172 9.21 11.50 16.29
C ARG B 172 10.34 12.26 17.03
N GLU B 173 10.03 13.46 17.53
N GLU B 173 10.01 13.44 17.54
CA GLU B 173 11.05 14.30 18.17
CA GLU B 173 11.03 14.29 18.14
C GLU B 173 11.50 13.72 19.50
C GLU B 173 11.45 13.78 19.52
N HIS B 174 10.69 12.84 20.05
CA HIS B 174 10.98 12.25 21.35
C HIS B 174 11.69 10.92 21.23
N GLY B 175 11.89 10.45 20.00
CA GLY B 175 12.59 9.20 19.79
C GLY B 175 11.73 7.99 20.16
N VAL B 176 10.43 8.21 20.28
CA VAL B 176 9.50 7.11 20.55
C VAL B 176 8.95 6.57 19.24
N ARG B 177 9.27 5.30 18.95
CA ARG B 177 8.84 4.69 17.70
C ARG B 177 7.50 4.00 17.89
N VAL B 178 6.68 3.96 16.83
CA VAL B 178 5.37 3.35 16.88
C VAL B 178 5.17 2.53 15.62
N ASN B 179 4.92 1.24 15.78
CA ASN B 179 4.75 0.36 14.62
C ASN B 179 3.60 -0.59 14.86
N ALA B 180 3.16 -1.27 13.80
CA ALA B 180 2.07 -2.22 13.91
C ALA B 180 2.48 -3.59 13.36
N VAL B 181 1.87 -4.64 13.91
CA VAL B 181 2.03 -5.97 13.34
C VAL B 181 0.66 -6.45 12.88
N ILE B 182 0.59 -6.98 11.66
CA ILE B 182 -0.67 -7.42 11.06
C ILE B 182 -0.62 -8.93 10.87
N PRO B 183 -1.28 -9.70 11.77
CA PRO B 183 -1.40 -11.15 11.58
C PRO B 183 -2.57 -11.47 10.66
N ALA B 184 -2.63 -12.69 10.18
CA ALA B 184 -3.79 -13.15 9.43
C ALA B 184 -4.51 -14.29 10.16
N GLU B 185 -3.89 -15.46 10.16
CA GLU B 185 -4.47 -16.60 10.83
C GLU B 185 -3.47 -17.15 11.82
N VAL B 186 -3.76 -16.99 13.12
CA VAL B 186 -2.83 -17.41 14.15
C VAL B 186 -3.53 -18.38 15.06
N MET B 187 -2.95 -19.56 15.23
CA MET B 187 -3.58 -20.58 16.08
C MET B 187 -3.35 -20.26 17.54
N THR B 188 -4.45 -20.09 18.27
CA THR B 188 -4.41 -19.88 19.71
C THR B 188 -5.45 -20.84 20.29
N PRO B 189 -5.24 -21.28 21.54
CA PRO B 189 -6.25 -22.10 22.25
C PRO B 189 -7.68 -21.53 22.13
N LEU B 190 -7.81 -20.20 22.08
CA LEU B 190 -9.13 -19.57 21.91
C LEU B 190 -9.73 -19.86 20.53
N TYR B 191 -8.96 -19.58 19.48
CA TYR B 191 -9.34 -19.86 18.10
C TYR B 191 -9.67 -21.35 18.00
N ARG B 192 -8.84 -22.16 18.65
CA ARG B 192 -8.97 -23.62 18.66
C ARG B 192 -10.33 -24.06 19.20
N ASN B 193 -10.85 -23.32 20.17
CA ASN B 193 -12.15 -23.63 20.76
C ASN B 193 -13.30 -23.17 19.89
N TRP B 194 -13.12 -22.02 19.24
CA TRP B 194 -14.12 -21.50 18.30
C TRP B 194 -14.30 -22.49 17.15
N ILE B 195 -13.17 -22.95 16.62
CA ILE B 195 -13.15 -24.00 15.59
C ILE B 195 -13.87 -25.26 16.07
N ALA B 196 -13.79 -25.53 17.37
CA ALA B 196 -14.45 -26.70 17.95
C ALA B 196 -15.97 -26.60 17.96
N THR B 197 -16.50 -25.40 17.72
CA THR B 197 -17.94 -25.19 17.69
C THR B 197 -18.52 -25.56 16.32
N PHE B 198 -17.64 -25.94 15.41
CA PHE B 198 -18.08 -26.37 14.08
C PHE B 198 -18.31 -27.87 14.02
N GLU B 199 -19.10 -28.30 13.05
CA GLU B 199 -19.50 -29.70 12.96
C GLU B 199 -18.30 -30.63 12.73
N ASP B 200 -17.40 -30.22 11.86
CA ASP B 200 -16.19 -30.99 11.59
C ASP B 200 -14.96 -30.09 11.83
N PRO B 201 -14.55 -29.96 13.10
CA PRO B 201 -13.45 -29.11 13.55
C PRO B 201 -12.17 -29.30 12.73
N GLU B 202 -11.79 -30.56 12.53
CA GLU B 202 -10.62 -30.90 11.72
C GLU B 202 -10.72 -30.27 10.34
N ALA B 203 -11.86 -30.48 9.69
CA ALA B 203 -12.08 -29.99 8.33
C ALA B 203 -12.14 -28.47 8.29
N LYS B 204 -12.74 -27.85 9.31
CA LYS B 204 -12.79 -26.40 9.39
C LYS B 204 -11.38 -25.83 9.51
N LEU B 205 -10.57 -26.43 10.35
CA LEU B 205 -9.21 -25.97 10.54
C LEU B 205 -8.41 -26.07 9.23
N ALA B 206 -8.56 -27.21 8.55
CA ALA B 206 -7.86 -27.46 7.30
C ALA B 206 -8.29 -26.47 6.23
N GLU B 207 -9.58 -26.18 6.20
CA GLU B 207 -10.15 -25.23 5.24
C GLU B 207 -9.58 -23.83 5.40
N ILE B 208 -9.39 -23.41 6.64
CA ILE B 208 -8.79 -22.12 6.94
C ILE B 208 -7.30 -22.13 6.59
N ALA B 209 -6.60 -23.17 7.02
CA ALA B 209 -5.15 -23.27 6.81
C ALA B 209 -4.80 -23.36 5.33
N ALA B 210 -5.68 -23.98 4.53
CA ALA B 210 -5.41 -24.19 3.11
C ALA B 210 -5.24 -22.87 2.37
N LYS B 211 -5.75 -21.79 2.95
CA LYS B 211 -5.69 -20.49 2.28
C LYS B 211 -4.41 -19.71 2.57
N VAL B 212 -3.57 -20.18 3.49
CA VAL B 212 -2.34 -19.47 3.84
C VAL B 212 -1.22 -19.89 2.89
N PRO B 213 -0.70 -18.96 2.08
CA PRO B 213 0.22 -19.38 1.00
C PRO B 213 1.49 -20.14 1.45
N LEU B 214 2.14 -19.66 2.49
CA LEU B 214 3.38 -20.27 2.95
C LEU B 214 3.12 -21.48 3.86
N GLY B 215 3.17 -22.67 3.29
CA GLY B 215 3.05 -23.89 4.08
C GLY B 215 1.63 -24.37 4.34
N ARG B 216 0.65 -23.59 3.91
CA ARG B 216 -0.77 -23.94 4.13
C ARG B 216 -1.00 -24.26 5.59
N ARG B 217 -0.54 -23.38 6.46
CA ARG B 217 -0.59 -23.60 7.88
C ARG B 217 -0.85 -22.29 8.61
N PHE B 218 -1.33 -22.38 9.84
CA PHE B 218 -1.48 -21.19 10.66
C PHE B 218 -0.13 -20.64 11.07
N THR B 219 -0.09 -19.33 11.23
CA THR B 219 1.03 -18.65 11.88
C THR B 219 0.95 -19.00 13.36
N THR B 220 2.11 -19.08 14.03
CA THR B 220 2.11 -19.34 15.46
C THR B 220 2.18 -18.03 16.25
N PRO B 221 1.71 -18.04 17.50
CA PRO B 221 1.84 -16.82 18.31
C PRO B 221 3.31 -16.42 18.48
N ASP B 222 4.22 -17.39 18.54
CA ASP B 222 5.65 -17.06 18.65
C ASP B 222 6.14 -16.28 17.43
N GLU B 223 5.64 -16.63 16.25
CA GLU B 223 6.02 -15.90 15.04
C GLU B 223 5.59 -14.43 15.11
N ILE B 224 4.36 -14.19 15.54
CA ILE B 224 3.92 -12.81 15.76
C ILE B 224 4.77 -12.15 16.83
N ALA B 225 5.03 -12.87 17.91
CA ALA B 225 5.77 -12.27 19.03
C ALA B 225 7.19 -11.88 18.65
N ASP B 226 7.86 -12.67 17.82
CA ASP B 226 9.24 -12.38 17.49
C ASP B 226 9.38 -11.07 16.72
N THR B 227 8.47 -10.83 15.79
CA THR B 227 8.46 -9.56 15.07
C THR B 227 8.05 -8.41 15.99
N ALA B 228 7.01 -8.61 16.80
CA ALA B 228 6.61 -7.55 17.73
C ALA B 228 7.74 -7.13 18.68
N VAL B 229 8.47 -8.10 19.22
CA VAL B 229 9.53 -7.78 20.16
C VAL B 229 10.73 -7.15 19.44
N PHE B 230 11.02 -7.62 18.23
CA PHE B 230 12.03 -6.96 17.41
C PHE B 230 11.69 -5.48 17.23
N LEU B 231 10.43 -5.19 16.97
CA LEU B 231 9.98 -3.81 16.74
C LEU B 231 10.05 -2.94 18.00
N LEU B 232 9.92 -3.56 19.17
CA LEU B 232 10.03 -2.80 20.41
C LEU B 232 11.48 -2.42 20.70
N SER B 233 12.41 -3.12 20.06
CA SER B 233 13.82 -3.00 20.44
C SER B 233 14.55 -1.96 19.60
N PRO B 234 15.69 -1.47 20.12
CA PRO B 234 16.49 -0.54 19.32
C PRO B 234 17.16 -1.18 18.11
N ARG B 235 16.97 -2.48 17.91
CA ARG B 235 17.40 -3.08 16.65
C ARG B 235 16.58 -2.55 15.48
N ALA B 236 15.40 -2.01 15.79
CA ALA B 236 14.52 -1.40 14.79
C ALA B 236 14.50 0.11 14.98
N SER B 237 15.66 0.67 15.30
CA SER B 237 15.77 2.07 15.70
C SER B 237 15.47 3.11 14.61
N HIS B 238 15.39 2.70 13.34
CA HIS B 238 14.90 3.66 12.34
C HIS B 238 13.62 3.23 11.65
N THR B 239 12.87 2.37 12.32
CA THR B 239 11.59 1.92 11.78
C THR B 239 10.52 2.54 12.62
N THR B 240 9.71 3.40 12.02
CA THR B 240 8.58 3.98 12.74
C THR B 240 7.46 4.26 11.76
N GLY B 241 6.23 4.09 12.22
CA GLY B 241 5.07 4.30 11.38
C GLY B 241 4.73 3.08 10.55
N GLU B 242 5.48 2.00 10.70
CA GLU B 242 5.35 0.88 9.76
C GLU B 242 4.31 -0.18 10.14
N TRP B 243 3.76 -0.83 9.12
CA TRP B 243 2.84 -1.94 9.32
C TRP B 243 3.53 -3.20 8.84
N LEU B 244 3.93 -4.06 9.76
CA LEU B 244 4.64 -5.29 9.36
C LEU B 244 3.65 -6.46 9.29
N PHE B 245 3.53 -7.03 8.10
CA PHE B 245 2.62 -8.17 7.89
C PHE B 245 3.36 -9.46 8.18
N VAL B 246 2.85 -10.22 9.14
CA VAL B 246 3.42 -11.49 9.51
C VAL B 246 2.30 -12.49 9.33
N ASP B 247 2.18 -13.03 8.12
CA ASP B 247 0.92 -13.65 7.75
C ASP B 247 1.04 -14.77 6.72
N GLY B 248 2.27 -15.24 6.48
CA GLY B 248 2.49 -16.34 5.54
C GLY B 248 2.09 -15.99 4.12
N GLY B 249 2.00 -14.70 3.82
CA GLY B 249 1.69 -14.29 2.45
C GLY B 249 0.21 -14.05 2.22
N TYR B 250 -0.59 -14.14 3.28
CA TYR B 250 -2.06 -14.03 3.18
C TYR B 250 -2.55 -12.77 2.47
N THR B 251 -2.03 -11.62 2.86
CA THR B 251 -2.53 -10.36 2.32
C THR B 251 -2.06 -10.06 0.91
N HIS B 252 -0.79 -10.35 0.62
CA HIS B 252 -0.17 -9.79 -0.59
C HIS B 252 0.09 -10.73 -1.75
N LEU B 253 -0.02 -12.04 -1.53
CA LEU B 253 0.27 -12.97 -2.60
C LEU B 253 -1.00 -13.39 -3.35
N ASP B 254 -0.84 -13.62 -4.65
CA ASP B 254 -1.92 -13.99 -5.58
C ASP B 254 -3.02 -14.87 -4.94
N ARG B 255 -4.25 -14.38 -4.94
CA ARG B 255 -5.38 -15.13 -4.39
C ARG B 255 -5.58 -16.46 -5.12
N ALA B 256 -5.06 -16.57 -6.35
CA ALA B 256 -5.29 -17.75 -7.18
C ALA B 256 -4.39 -18.94 -6.83
N LEU B 257 -3.29 -18.70 -6.10
CA LEU B 257 -2.38 -19.80 -5.79
C LEU B 257 -3.07 -20.82 -4.88
N VAL B 258 -2.64 -22.08 -4.99
CA VAL B 258 -3.09 -23.11 -4.05
C VAL B 258 -1.92 -23.56 -3.18
N MET C 1 18.06 -12.43 21.50
CA MET C 1 17.28 -13.29 20.61
C MET C 1 18.21 -14.11 19.71
N ASP C 2 18.22 -15.42 19.93
CA ASP C 2 19.01 -16.33 19.10
C ASP C 2 18.33 -16.41 17.72
N LEU C 3 19.06 -16.02 16.68
CA LEU C 3 18.49 -16.03 15.33
C LEU C 3 18.66 -17.38 14.63
N ASN C 4 19.41 -18.27 15.26
CA ASN C 4 19.65 -19.62 14.71
C ASN C 4 20.25 -19.60 13.31
N LEU C 5 21.20 -18.68 13.10
CA LEU C 5 21.91 -18.59 11.83
C LEU C 5 23.34 -19.09 11.96
N GLN C 6 23.66 -19.72 13.08
CA GLN C 6 25.03 -20.19 13.30
C GLN C 6 25.42 -21.20 12.23
N ASP C 7 26.58 -20.96 11.60
CA ASP C 7 27.11 -21.80 10.52
C ASP C 7 26.23 -21.84 9.26
N LYS C 8 25.28 -20.92 9.16
CA LYS C 8 24.48 -20.78 7.95
C LYS C 8 25.23 -19.96 6.91
N VAL C 9 25.24 -20.46 5.67
CA VAL C 9 26.05 -19.85 4.62
C VAL C 9 25.19 -18.88 3.81
N VAL C 10 25.59 -17.61 3.79
CA VAL C 10 24.79 -16.58 3.14
C VAL C 10 25.64 -15.74 2.20
N ILE C 11 25.30 -15.73 0.92
CA ILE C 11 25.98 -14.87 -0.04
C ILE C 11 25.44 -13.46 0.07
N VAL C 12 26.33 -12.46 0.09
CA VAL C 12 25.91 -11.07 0.10
C VAL C 12 26.56 -10.34 -1.07
N THR C 13 25.76 -9.93 -2.06
CA THR C 13 26.34 -9.24 -3.22
C THR C 13 26.58 -7.77 -2.88
N GLY C 14 27.70 -7.22 -3.36
CA GLY C 14 28.14 -5.91 -2.91
C GLY C 14 28.35 -5.88 -1.40
N GLY C 15 28.82 -7.00 -0.86
CA GLY C 15 28.80 -7.22 0.58
C GLY C 15 30.00 -6.76 1.38
N ALA C 16 30.83 -5.89 0.79
CA ALA C 16 32.07 -5.49 1.43
C ALA C 16 32.14 -3.99 1.72
N SER C 17 31.03 -3.28 1.50
CA SER C 17 30.99 -1.86 1.81
C SER C 17 29.55 -1.40 1.96
N GLY C 18 29.36 -0.27 2.62
CA GLY C 18 28.04 0.32 2.76
C GLY C 18 27.06 -0.62 3.45
N ILE C 19 25.84 -0.68 2.95
CA ILE C 19 24.86 -1.55 3.51
C ILE C 19 25.25 -3.04 3.41
N GLY C 20 25.77 -3.43 2.28
CA GLY C 20 26.23 -4.81 2.12
C GLY C 20 27.24 -5.23 3.16
N GLY C 21 28.22 -4.36 3.41
CA GLY C 21 29.27 -4.64 4.38
C GLY C 21 28.70 -4.78 5.78
N ALA C 22 27.70 -3.97 6.10
CA ALA C 22 27.07 -4.03 7.42
C ALA C 22 26.27 -5.32 7.58
N ILE C 23 25.62 -5.74 6.50
CA ILE C 23 24.95 -7.04 6.46
C ILE C 23 25.95 -8.19 6.66
N SER C 24 27.07 -8.18 5.94
CA SER C 24 28.07 -9.22 6.11
C SER C 24 28.59 -9.24 7.54
N MET C 25 28.81 -8.05 8.11
CA MET C 25 29.37 -7.94 9.45
C MET C 25 28.38 -8.43 10.50
N ARG C 26 27.11 -8.08 10.35
CA ARG C 26 26.09 -8.58 11.26
C ARG C 26 25.95 -10.11 11.15
N LEU C 27 25.96 -10.64 9.92
CA LEU C 27 25.91 -12.09 9.74
C LEU C 27 27.04 -12.77 10.52
N ALA C 28 28.26 -12.25 10.36
CA ALA C 28 29.42 -12.78 11.08
C ALA C 28 29.22 -12.74 12.59
N GLU C 29 28.67 -11.63 13.09
CA GLU C 29 28.41 -11.46 14.52
C GLU C 29 27.43 -12.51 15.05
N GLU C 30 26.45 -12.87 14.23
CA GLU C 30 25.48 -13.91 14.58
C GLU C 30 26.03 -15.31 14.33
N ARG C 31 27.32 -15.38 14.01
CA ARG C 31 28.02 -16.64 13.74
C ARG C 31 27.60 -17.35 12.46
N ALA C 32 26.89 -16.63 11.59
CA ALA C 32 26.62 -17.12 10.25
C ALA C 32 27.91 -17.01 9.45
N ILE C 33 27.92 -17.55 8.24
CA ILE C 33 29.10 -17.45 7.38
C ILE C 33 28.78 -16.60 6.15
N PRO C 34 29.13 -15.32 6.19
CA PRO C 34 28.88 -14.47 5.03
C PRO C 34 29.90 -14.76 3.93
N VAL C 35 29.42 -14.84 2.69
CA VAL C 35 30.28 -14.99 1.54
C VAL C 35 30.08 -13.74 0.69
N VAL C 36 31.12 -12.91 0.61
CA VAL C 36 31.00 -11.63 -0.07
C VAL C 36 31.24 -11.77 -1.58
N PHE C 37 30.24 -11.41 -2.39
CA PHE C 37 30.42 -11.29 -3.83
C PHE C 37 30.55 -9.79 -4.13
N ALA C 38 31.73 -9.37 -4.57
CA ALA C 38 31.94 -7.96 -4.92
C ALA C 38 32.99 -7.75 -6.00
N ARG C 39 32.90 -6.61 -6.68
CA ARG C 39 33.77 -6.28 -7.82
C ARG C 39 35.21 -6.14 -7.37
N HIS C 40 35.40 -5.36 -6.31
CA HIS C 40 36.73 -5.07 -5.81
C HIS C 40 36.99 -5.75 -4.48
N ALA C 41 38.25 -6.08 -4.23
CA ALA C 41 38.64 -6.67 -2.96
C ALA C 41 38.29 -5.73 -1.82
N PRO C 42 37.77 -6.28 -0.72
CA PRO C 42 37.43 -5.47 0.46
C PRO C 42 38.71 -4.92 1.08
N ASP C 43 38.64 -3.80 1.78
CA ASP C 43 39.84 -3.30 2.46
C ASP C 43 40.21 -4.22 3.62
N GLY C 44 41.47 -4.17 4.03
CA GLY C 44 41.99 -5.10 5.03
C GLY C 44 41.33 -5.03 6.39
N ALA C 45 41.03 -3.81 6.84
CA ALA C 45 40.40 -3.61 8.15
C ALA C 45 39.04 -4.26 8.19
N PHE C 46 38.34 -4.25 7.05
CA PHE C 46 37.05 -4.90 6.94
C PHE C 46 37.21 -6.41 7.07
N LEU C 47 38.13 -6.97 6.28
CA LEU C 47 38.37 -8.40 6.26
C LEU C 47 38.82 -8.90 7.63
N ASP C 48 39.62 -8.09 8.31
CA ASP C 48 40.13 -8.45 9.62
C ASP C 48 39.03 -8.43 10.69
N ALA C 49 38.15 -7.43 10.61
CA ALA C 49 37.02 -7.34 11.54
C ALA C 49 36.02 -8.46 11.28
N LEU C 50 35.86 -8.82 10.01
CA LEU C 50 34.98 -9.92 9.62
C LEU C 50 35.53 -11.26 10.12
N ALA C 51 36.83 -11.48 9.91
CA ALA C 51 37.48 -12.72 10.30
C ALA C 51 37.49 -12.91 11.82
N GLN C 52 37.57 -11.80 12.55
CA GLN C 52 37.53 -11.82 14.00
C GLN C 52 36.20 -12.40 14.49
N ARG C 53 35.11 -12.05 13.83
CA ARG C 53 33.80 -12.54 14.20
C ARG C 53 33.56 -13.93 13.61
N GLN C 54 34.00 -14.13 12.38
CA GLN C 54 33.75 -15.37 11.66
C GLN C 54 34.93 -15.70 10.75
N PRO C 55 35.89 -16.49 11.26
CA PRO C 55 37.10 -16.86 10.51
C PRO C 55 36.80 -17.57 9.20
N ARG C 56 35.62 -18.15 9.08
CA ARG C 56 35.23 -18.88 7.88
C ARG C 56 34.61 -17.99 6.82
N ALA C 57 34.41 -16.71 7.16
CA ALA C 57 33.88 -15.75 6.19
C ALA C 57 34.81 -15.63 4.99
N THR C 58 34.23 -15.35 3.82
CA THR C 58 34.94 -15.49 2.56
C THR C 58 34.60 -14.33 1.62
N TYR C 59 35.54 -13.94 0.78
CA TYR C 59 35.30 -12.97 -0.28
C TYR C 59 35.64 -13.58 -1.65
N LEU C 60 34.75 -13.38 -2.62
CA LEU C 60 35.04 -13.78 -4.00
C LEU C 60 34.93 -12.58 -4.92
N PRO C 61 35.94 -12.38 -5.80
CA PRO C 61 35.85 -11.29 -6.78
C PRO C 61 34.84 -11.63 -7.87
N VAL C 62 33.77 -10.86 -7.97
CA VAL C 62 32.71 -11.11 -8.94
C VAL C 62 32.25 -9.84 -9.62
N GLU C 63 32.24 -9.84 -10.95
CA GLU C 63 31.50 -8.82 -11.67
C GLU C 63 30.10 -9.37 -11.93
N LEU C 64 29.12 -8.83 -11.23
CA LEU C 64 27.78 -9.42 -11.22
C LEU C 64 27.07 -9.31 -12.57
N GLN C 65 27.53 -8.39 -13.40
CA GLN C 65 26.96 -8.24 -14.74
C GLN C 65 27.43 -9.35 -15.68
N ASP C 66 28.43 -10.11 -15.24
CA ASP C 66 28.88 -11.27 -15.99
C ASP C 66 28.13 -12.51 -15.46
N ASP C 67 27.21 -13.03 -16.26
CA ASP C 67 26.40 -14.18 -15.85
C ASP C 67 27.25 -15.40 -15.46
N ALA C 68 28.36 -15.59 -16.15
CA ALA C 68 29.25 -16.74 -15.90
C ALA C 68 29.97 -16.62 -14.57
N GLN C 69 30.33 -15.40 -14.19
CA GLN C 69 30.99 -15.19 -12.91
C GLN C 69 30.01 -15.44 -11.77
N CYS C 70 28.75 -15.07 -11.99
CA CYS C 70 27.69 -15.38 -11.04
C CYS C 70 27.57 -16.89 -10.87
N ARG C 71 27.44 -17.60 -11.99
CA ARG C 71 27.30 -19.05 -11.97
C ARG C 71 28.51 -19.71 -11.30
N ASP C 72 29.70 -19.29 -11.68
CA ASP C 72 30.93 -19.90 -11.15
C ASP C 72 31.17 -19.58 -9.68
N ALA C 73 30.81 -18.38 -9.25
CA ALA C 73 31.02 -17.99 -7.86
C ALA C 73 30.06 -18.72 -6.92
N VAL C 74 28.83 -18.94 -7.37
CA VAL C 74 27.90 -19.78 -6.62
C VAL C 74 28.42 -21.21 -6.52
N ALA C 75 28.87 -21.76 -7.65
CA ALA C 75 29.41 -23.12 -7.67
C ALA C 75 30.58 -23.27 -6.70
N GLN C 76 31.48 -22.28 -6.72
CA GLN C 76 32.61 -22.21 -5.79
C GLN C 76 32.11 -22.27 -4.34
N THR C 77 31.10 -21.46 -4.05
CA THR C 77 30.54 -21.38 -2.71
C THR C 77 30.01 -22.74 -2.25
N ILE C 78 29.26 -23.41 -3.12
CA ILE C 78 28.72 -24.72 -2.82
C ILE C 78 29.85 -25.74 -2.64
N ALA C 79 30.86 -25.67 -3.51
CA ALA C 79 31.99 -26.59 -3.42
C ALA C 79 32.75 -26.43 -2.11
N THR C 80 32.86 -25.19 -1.65
CA THR C 80 33.59 -24.86 -0.43
C THR C 80 32.83 -25.21 0.85
N PHE C 81 31.55 -24.88 0.88
CA PHE C 81 30.76 -24.99 2.10
C PHE C 81 29.73 -26.12 2.10
N GLY C 82 29.40 -26.62 0.92
CA GLY C 82 28.52 -27.77 0.82
C GLY C 82 27.05 -27.41 0.92
N ARG C 83 26.76 -26.12 1.15
CA ARG C 83 25.39 -25.68 1.36
C ARG C 83 25.26 -24.19 1.09
N LEU C 84 24.04 -23.74 0.85
CA LEU C 84 23.75 -22.31 0.81
C LEU C 84 22.44 -22.08 1.53
N ASP C 85 22.45 -21.16 2.50
CA ASP C 85 21.29 -20.95 3.37
C ASP C 85 20.61 -19.61 3.11
N GLY C 86 21.34 -18.68 2.49
CA GLY C 86 20.76 -17.38 2.21
C GLY C 86 21.41 -16.67 1.04
N LEU C 87 20.63 -15.81 0.39
CA LEU C 87 21.15 -14.91 -0.62
C LEU C 87 20.67 -13.52 -0.27
N VAL C 88 21.60 -12.59 -0.12
CA VAL C 88 21.24 -11.17 -0.06
C VAL C 88 21.63 -10.48 -1.37
N ASN C 89 20.62 -10.13 -2.17
CA ASN C 89 20.88 -9.30 -3.35
C ASN C 89 20.97 -7.85 -2.91
N ASN C 90 22.14 -7.26 -3.04
CA ASN C 90 22.36 -5.91 -2.53
C ASN C 90 23.11 -4.96 -3.49
N ALA C 91 23.97 -5.49 -4.35
CA ALA C 91 24.77 -4.62 -5.21
C ALA C 91 23.90 -3.75 -6.12
N GLY C 92 24.28 -2.49 -6.27
CA GLY C 92 23.52 -1.56 -7.10
C GLY C 92 24.16 -0.19 -7.14
N VAL C 93 23.66 0.66 -8.02
CA VAL C 93 24.13 2.04 -8.13
C VAL C 93 23.04 2.90 -8.75
N ASN C 94 22.75 4.03 -8.11
CA ASN C 94 21.84 5.01 -8.70
C ASN C 94 22.61 5.79 -9.76
N ASP C 95 22.47 5.36 -11.01
CA ASP C 95 23.28 5.91 -12.10
C ASP C 95 22.66 7.08 -12.86
N GLY C 96 21.53 7.59 -12.36
CA GLY C 96 20.96 8.83 -12.88
C GLY C 96 20.63 8.81 -14.36
N ILE C 97 20.06 7.70 -14.83
CA ILE C 97 19.67 7.54 -16.22
C ILE C 97 18.20 7.95 -16.38
N GLY C 98 17.97 9.14 -16.93
CA GLY C 98 16.63 9.70 -17.02
C GLY C 98 15.90 9.44 -18.33
N LEU C 99 14.83 10.19 -18.56
CA LEU C 99 13.97 10.02 -19.74
C LEU C 99 14.67 10.35 -21.05
N ASP C 100 15.68 11.22 -20.99
CA ASP C 100 16.35 11.64 -22.22
C ASP C 100 17.55 10.77 -22.59
N ALA C 101 17.97 9.90 -21.66
CA ALA C 101 19.19 9.12 -21.86
C ALA C 101 19.14 8.15 -23.04
N GLY C 102 17.98 7.53 -23.26
CA GLY C 102 17.82 6.63 -24.39
C GLY C 102 17.96 5.16 -24.02
N ARG C 103 17.61 4.29 -24.96
CA ARG C 103 17.58 2.84 -24.75
C ARG C 103 18.85 2.21 -24.19
N ASP C 104 19.99 2.46 -24.83
CA ASP C 104 21.23 1.80 -24.43
C ASP C 104 21.60 2.10 -22.98
N ALA C 105 21.48 3.36 -22.59
CA ALA C 105 21.76 3.78 -21.23
C ALA C 105 20.76 3.17 -20.24
N PHE C 106 19.50 3.12 -20.63
CA PHE C 106 18.46 2.53 -19.78
C PHE C 106 18.76 1.05 -19.52
N VAL C 107 19.09 0.33 -20.58
CA VAL C 107 19.36 -1.10 -20.46
C VAL C 107 20.62 -1.37 -19.65
N ALA C 108 21.61 -0.49 -19.80
CA ALA C 108 22.85 -0.62 -19.03
C ALA C 108 22.56 -0.45 -17.54
N SER C 109 21.57 0.40 -17.22
CA SER C 109 21.15 0.58 -15.84
C SER C 109 20.48 -0.70 -15.32
N LEU C 110 19.62 -1.30 -16.13
CA LEU C 110 19.02 -2.60 -15.78
C LEU C 110 20.09 -3.66 -15.53
N GLU C 111 21.14 -3.67 -16.34
CA GLU C 111 22.23 -4.63 -16.15
C GLU C 111 22.95 -4.39 -14.82
N ARG C 112 23.12 -3.11 -14.47
CA ARG C 112 23.86 -2.74 -13.26
C ARG C 112 23.06 -3.00 -11.99
N ASN C 113 21.75 -3.12 -12.12
CA ASN C 113 20.89 -3.20 -10.94
C ASN C 113 19.95 -4.41 -10.90
N LEU C 114 19.09 -4.52 -11.90
CA LEU C 114 18.03 -5.53 -11.88
C LEU C 114 18.51 -6.93 -12.28
N ILE C 115 19.21 -7.02 -13.40
CA ILE C 115 19.40 -8.32 -14.03
C ILE C 115 20.20 -9.30 -13.18
N HIS C 116 21.17 -8.80 -12.42
CA HIS C 116 21.96 -9.70 -11.57
C HIS C 116 21.22 -10.16 -10.30
N TYR C 117 20.17 -9.45 -9.88
CA TYR C 117 19.32 -9.97 -8.81
C TYR C 117 18.66 -11.26 -9.30
N TYR C 118 18.13 -11.23 -10.53
CA TYR C 118 17.58 -12.43 -11.15
C TYR C 118 18.64 -13.52 -11.37
N ALA C 119 19.78 -13.14 -11.94
CA ALA C 119 20.82 -14.13 -12.21
C ALA C 119 21.23 -14.83 -10.92
N MET C 120 21.45 -14.07 -9.85
CA MET C 120 21.83 -14.67 -8.57
C MET C 120 20.74 -15.58 -8.02
N ALA C 121 19.47 -15.17 -8.12
CA ALA C 121 18.39 -16.02 -7.65
C ALA C 121 18.32 -17.30 -8.47
N HIS C 122 18.46 -17.16 -9.78
CA HIS C 122 18.47 -18.29 -10.70
C HIS C 122 19.47 -19.36 -10.27
N TYR C 123 20.69 -18.95 -9.92
CA TYR C 123 21.74 -19.89 -9.59
C TYR C 123 21.68 -20.38 -8.13
N CYS C 124 21.10 -19.57 -7.24
CA CYS C 124 21.07 -19.92 -5.81
C CYS C 124 19.86 -20.74 -5.38
N VAL C 125 18.74 -20.56 -6.06
CA VAL C 125 17.49 -21.19 -5.65
C VAL C 125 17.53 -22.72 -5.52
N PRO C 126 18.18 -23.43 -6.48
CA PRO C 126 18.26 -24.89 -6.26
C PRO C 126 18.91 -25.27 -4.93
N HIS C 127 19.92 -24.50 -4.53
CA HIS C 127 20.63 -24.77 -3.28
C HIS C 127 19.85 -24.30 -2.06
N LEU C 128 19.10 -23.20 -2.21
CA LEU C 128 18.27 -22.70 -1.12
C LEU C 128 17.11 -23.65 -0.82
N LYS C 129 16.60 -24.30 -1.87
CA LYS C 129 15.54 -25.29 -1.69
C LYS C 129 16.02 -26.44 -0.80
N ALA C 130 17.27 -26.83 -0.98
CA ALA C 130 17.86 -27.92 -0.22
C ALA C 130 17.95 -27.63 1.28
N THR C 131 18.06 -26.35 1.63
CA THR C 131 18.24 -25.95 3.03
C THR C 131 17.02 -25.24 3.61
N ARG C 132 15.97 -25.07 2.80
CA ARG C 132 14.86 -24.20 3.15
C ARG C 132 15.40 -22.84 3.58
N GLY C 133 16.29 -22.30 2.78
CA GLY C 133 16.92 -21.02 3.08
C GLY C 133 16.06 -19.82 2.76
N ALA C 134 16.68 -18.66 2.62
CA ALA C 134 15.93 -17.43 2.43
C ALA C 134 16.63 -16.46 1.49
N ILE C 135 15.84 -15.56 0.92
CA ILE C 135 16.39 -14.50 0.09
C ILE C 135 15.95 -13.16 0.67
N VAL C 136 16.88 -12.21 0.67
CA VAL C 136 16.55 -10.82 0.96
C VAL C 136 17.02 -9.95 -0.19
N ASN C 137 16.08 -9.20 -0.78
CA ASN C 137 16.42 -8.25 -1.84
C ASN C 137 16.48 -6.83 -1.25
N ILE C 138 17.61 -6.15 -1.40
CA ILE C 138 17.68 -4.76 -0.95
C ILE C 138 17.23 -3.85 -2.10
N SER C 139 16.17 -3.08 -1.88
CA SER C 139 15.64 -2.22 -2.94
C SER C 139 15.94 -0.77 -2.59
N SER C 140 15.01 0.14 -2.83
CA SER C 140 15.23 1.57 -2.57
C SER C 140 13.88 2.24 -2.50
N LYS C 141 13.77 3.29 -1.69
CA LYS C 141 12.50 4.01 -1.59
C LYS C 141 12.11 4.61 -2.95
N THR C 142 13.11 4.87 -3.79
CA THR C 142 12.86 5.43 -5.12
C THR C 142 11.93 4.54 -5.97
N ALA C 143 11.91 3.24 -5.65
CA ALA C 143 11.03 2.29 -6.33
C ALA C 143 9.57 2.68 -6.21
N VAL C 144 9.23 3.31 -5.08
CA VAL C 144 7.85 3.73 -4.89
C VAL C 144 7.67 5.26 -4.83
N THR C 145 8.73 6.01 -4.54
CA THR C 145 8.58 7.47 -4.46
C THR C 145 8.93 8.20 -5.76
N GLY C 146 9.68 7.55 -6.64
CA GLY C 146 10.31 8.23 -7.76
C GLY C 146 11.39 9.17 -7.25
N GLN C 147 12.05 9.89 -8.15
CA GLN C 147 13.12 10.81 -7.75
C GLN C 147 13.31 11.94 -8.75
N GLY C 148 13.27 11.62 -10.04
CA GLY C 148 13.21 12.66 -11.05
C GLY C 148 14.10 12.52 -12.26
N ASN C 149 15.24 11.86 -12.11
CA ASN C 149 16.14 11.66 -13.24
C ASN C 149 16.86 10.32 -13.17
N THR C 150 16.11 9.26 -12.88
CA THR C 150 16.73 7.98 -12.65
C THR C 150 15.76 6.84 -13.03
N SER C 151 15.20 6.95 -14.23
CA SER C 151 14.35 5.90 -14.80
C SER C 151 14.99 4.52 -14.69
N GLY C 152 16.27 4.42 -15.04
CA GLY C 152 16.95 3.13 -15.05
C GLY C 152 16.95 2.46 -13.69
N TYR C 153 17.39 3.20 -12.68
CA TYR C 153 17.50 2.71 -11.30
C TYR C 153 16.13 2.50 -10.69
N CYS C 154 15.22 3.43 -10.94
CA CYS C 154 13.86 3.31 -10.40
C CYS C 154 13.17 2.05 -10.92
N ALA C 155 13.19 1.87 -12.24
CA ALA C 155 12.65 0.67 -12.87
C ALA C 155 13.24 -0.60 -12.25
N SER C 156 14.56 -0.62 -12.10
CA SER C 156 15.25 -1.77 -11.51
C SER C 156 14.77 -2.03 -10.09
N LYS C 157 14.75 -0.99 -9.28
CA LYS C 157 14.40 -1.14 -7.87
C LYS C 157 12.95 -1.58 -7.70
N GLY C 158 12.08 -1.10 -8.58
CA GLY C 158 10.67 -1.49 -8.54
C GLY C 158 10.50 -2.93 -9.00
N ALA C 159 11.21 -3.30 -10.06
CA ALA C 159 11.20 -4.70 -10.50
C ALA C 159 11.67 -5.65 -9.38
N GLN C 160 12.61 -5.20 -8.56
CA GLN C 160 13.09 -6.02 -7.45
C GLN C 160 12.01 -6.27 -6.37
N LEU C 161 11.14 -5.29 -6.15
CA LEU C 161 10.02 -5.45 -5.23
C LEU C 161 9.00 -6.42 -5.80
N ALA C 162 8.74 -6.30 -7.10
CA ALA C 162 7.84 -7.22 -7.77
C ALA C 162 8.38 -8.65 -7.71
N LEU C 163 9.67 -8.81 -7.96
CA LEU C 163 10.28 -10.14 -7.98
C LEU C 163 10.25 -10.76 -6.59
N THR C 164 10.24 -9.91 -5.56
CA THR C 164 10.16 -10.41 -4.18
C THR C 164 8.81 -11.12 -3.97
N ARG C 165 7.76 -10.54 -4.54
CA ARG C 165 6.43 -11.16 -4.46
C ARG C 165 6.36 -12.42 -5.31
N GLU C 166 6.88 -12.33 -6.53
CA GLU C 166 6.89 -13.47 -7.46
C GLU C 166 7.66 -14.67 -6.91
N TRP C 167 8.85 -14.42 -6.36
CA TRP C 167 9.67 -15.52 -5.88
C TRP C 167 9.10 -16.10 -4.58
N ALA C 168 8.45 -15.26 -3.78
CA ALA C 168 7.76 -15.76 -2.59
C ALA C 168 6.67 -16.75 -2.97
N VAL C 169 5.92 -16.42 -4.02
CA VAL C 169 4.92 -17.34 -4.55
C VAL C 169 5.58 -18.61 -5.08
N ALA C 170 6.58 -18.42 -5.94
CA ALA C 170 7.22 -19.52 -6.65
C ALA C 170 7.80 -20.58 -5.72
N LEU C 171 8.31 -20.13 -4.58
CA LEU C 171 9.09 -20.98 -3.66
C LEU C 171 8.34 -21.35 -2.38
N ARG C 172 7.06 -21.00 -2.30
CA ARG C 172 6.30 -21.19 -1.06
C ARG C 172 6.29 -22.67 -0.59
N GLU C 173 6.16 -23.60 -1.52
CA GLU C 173 6.04 -25.01 -1.17
C GLU C 173 7.38 -25.62 -0.81
N HIS C 174 8.45 -24.87 -1.06
CA HIS C 174 9.81 -25.32 -0.76
C HIS C 174 10.34 -24.76 0.54
N GLY C 175 9.52 -23.92 1.18
CA GLY C 175 9.88 -23.37 2.48
C GLY C 175 10.94 -22.28 2.38
N VAL C 176 11.14 -21.76 1.18
CA VAL C 176 12.11 -20.69 0.98
C VAL C 176 11.41 -19.34 1.00
N ARG C 177 11.74 -18.51 1.98
CA ARG C 177 11.11 -17.19 2.11
C ARG C 177 11.90 -16.14 1.34
N VAL C 178 11.19 -15.15 0.80
CA VAL C 178 11.79 -14.10 -0.02
C VAL C 178 11.23 -12.79 0.47
N ASN C 179 12.08 -11.89 0.94
CA ASN C 179 11.60 -10.60 1.43
C ASN C 179 12.48 -9.47 0.92
N ALA C 180 12.03 -8.23 1.06
CA ALA C 180 12.80 -7.08 0.60
C ALA C 180 12.99 -6.09 1.72
N VAL C 181 14.10 -5.36 1.69
CA VAL C 181 14.26 -4.22 2.60
C VAL C 181 14.39 -2.96 1.77
N ILE C 182 13.67 -1.91 2.17
CA ILE C 182 13.64 -0.66 1.44
C ILE C 182 14.24 0.46 2.29
N PRO C 183 15.50 0.84 1.99
CA PRO C 183 16.16 1.98 2.66
C PRO C 183 15.76 3.29 1.99
N ALA C 184 15.98 4.42 2.65
CA ALA C 184 15.79 5.71 1.97
C ALA C 184 17.11 6.45 1.88
N GLU C 185 17.58 6.97 3.02
CA GLU C 185 18.85 7.69 3.05
C GLU C 185 19.79 7.00 4.02
N VAL C 186 20.88 6.44 3.48
CA VAL C 186 21.87 5.74 4.29
C VAL C 186 23.25 6.25 3.90
N MET C 187 24.02 6.75 4.86
CA MET C 187 25.37 7.23 4.55
C MET C 187 26.30 6.05 4.29
N THR C 188 26.84 5.98 3.07
CA THR C 188 27.63 4.85 2.57
C THR C 188 28.74 5.40 1.68
N PRO C 189 29.90 4.71 1.59
CA PRO C 189 31.12 5.15 0.89
C PRO C 189 30.99 6.36 -0.04
N LEU C 190 30.42 6.19 -1.23
CA LEU C 190 30.40 7.28 -2.21
C LEU C 190 29.39 8.39 -1.90
N TYR C 191 28.40 8.10 -1.06
CA TYR C 191 27.47 9.14 -0.64
C TYR C 191 28.25 10.28 -0.02
N ARG C 192 29.17 9.96 0.89
CA ARG C 192 30.01 10.98 1.52
C ARG C 192 31.15 11.36 0.60
N ALA C 203 26.28 21.06 4.01
CA ALA C 203 25.13 21.82 3.53
C ALA C 203 24.23 20.95 2.68
N LYS C 204 24.81 20.30 1.66
CA LYS C 204 24.08 19.33 0.87
C LYS C 204 23.70 18.17 1.77
N LEU C 205 24.55 17.91 2.76
CA LEU C 205 24.27 16.91 3.77
C LEU C 205 23.02 17.26 4.57
N ALA C 206 23.09 18.41 5.24
CA ALA C 206 22.05 18.84 6.15
C ALA C 206 20.68 18.91 5.47
N GLU C 207 20.68 19.38 4.23
CA GLU C 207 19.46 19.52 3.46
C GLU C 207 18.73 18.18 3.33
N ILE C 208 19.49 17.14 3.00
CA ILE C 208 18.93 15.80 2.87
C ILE C 208 18.53 15.21 4.22
N ALA C 209 19.39 15.33 5.21
CA ALA C 209 19.13 14.75 6.52
C ALA C 209 17.88 15.34 7.16
N ALA C 210 17.66 16.63 6.90
CA ALA C 210 16.55 17.35 7.51
C ALA C 210 15.19 16.78 7.10
N LYS C 211 15.15 16.09 5.97
CA LYS C 211 13.88 15.58 5.45
C LYS C 211 13.52 14.20 5.98
N VAL C 212 14.40 13.61 6.79
CA VAL C 212 14.11 12.29 7.37
C VAL C 212 13.35 12.46 8.68
N PRO C 213 12.09 12.00 8.73
CA PRO C 213 11.24 12.38 9.88
C PRO C 213 11.81 11.99 11.25
N LEU C 214 12.31 10.78 11.37
CA LEU C 214 12.74 10.30 12.68
C LEU C 214 14.16 10.75 13.01
N GLY C 215 14.28 11.81 13.80
CA GLY C 215 15.60 12.29 14.21
C GLY C 215 16.31 13.22 13.24
N ARG C 216 15.71 13.45 12.07
CA ARG C 216 16.33 14.32 11.06
C ARG C 216 17.77 13.91 10.78
N ARG C 217 17.95 12.62 10.50
CA ARG C 217 19.26 12.03 10.36
C ARG C 217 19.18 10.86 9.41
N PHE C 218 20.31 10.52 8.79
CA PHE C 218 20.39 9.35 7.94
C PHE C 218 20.21 8.07 8.74
N THR C 219 19.62 7.08 8.10
CA THR C 219 19.61 5.72 8.60
C THR C 219 21.05 5.21 8.54
N THR C 220 21.43 4.33 9.45
CA THR C 220 22.78 3.78 9.38
C THR C 220 22.78 2.43 8.64
N PRO C 221 23.93 2.04 8.07
CA PRO C 221 24.00 0.71 7.46
C PRO C 221 23.62 -0.41 8.45
N ASP C 222 24.05 -0.29 9.71
CA ASP C 222 23.69 -1.26 10.75
C ASP C 222 22.18 -1.40 10.94
N GLU C 223 21.44 -0.31 10.85
CA GLU C 223 19.97 -0.41 10.93
C GLU C 223 19.36 -1.22 9.79
N ILE C 224 19.82 -1.00 8.56
CA ILE C 224 19.37 -1.78 7.44
C ILE C 224 19.76 -3.24 7.68
N ALA C 225 21.00 -3.46 8.10
CA ALA C 225 21.51 -4.82 8.28
C ALA C 225 20.71 -5.60 9.32
N ASP C 226 20.32 -4.95 10.40
CA ASP C 226 19.61 -5.67 11.46
C ASP C 226 18.26 -6.24 11.01
N THR C 227 17.54 -5.47 10.20
CA THR C 227 16.29 -5.96 9.63
C THR C 227 16.56 -7.02 8.57
N ALA C 228 17.56 -6.80 7.73
CA ALA C 228 17.86 -7.77 6.69
C ALA C 228 18.22 -9.14 7.29
N VAL C 229 19.01 -9.13 8.34
CA VAL C 229 19.44 -10.39 8.95
C VAL C 229 18.29 -11.06 9.72
N PHE C 230 17.47 -10.26 10.40
CA PHE C 230 16.24 -10.79 11.00
C PHE C 230 15.40 -11.52 9.96
N LEU C 231 15.22 -10.92 8.78
CA LEU C 231 14.43 -11.56 7.70
C LEU C 231 15.05 -12.85 7.14
N LEU C 232 16.38 -12.99 7.23
CA LEU C 232 17.04 -14.21 6.79
C LEU C 232 16.82 -15.35 7.77
N SER C 233 16.48 -15.03 9.01
CA SER C 233 16.45 -16.00 10.09
C SER C 233 15.08 -16.64 10.28
N PRO C 234 15.04 -17.82 10.91
CA PRO C 234 13.78 -18.47 11.28
C PRO C 234 12.93 -17.73 12.30
N ARG C 235 13.43 -16.63 12.85
N ARG C 235 13.42 -16.63 12.84
CA ARG C 235 12.57 -15.80 13.69
CA ARG C 235 12.56 -15.81 13.69
C ARG C 235 11.52 -15.09 12.84
C ARG C 235 11.54 -15.06 12.84
N ALA C 236 11.76 -15.05 11.53
CA ALA C 236 10.78 -14.49 10.59
C ALA C 236 10.17 -15.62 9.75
N SER C 237 9.94 -16.77 10.39
CA SER C 237 9.56 -18.00 9.67
C SER C 237 8.20 -17.99 8.98
N HIS C 238 7.34 -17.01 9.27
CA HIS C 238 6.12 -16.89 8.47
C HIS C 238 6.00 -15.59 7.73
N THR C 239 7.14 -14.93 7.50
CA THR C 239 7.16 -13.69 6.73
C THR C 239 7.75 -13.96 5.35
N THR C 240 6.96 -13.74 4.31
CA THR C 240 7.45 -13.97 2.96
C THR C 240 6.69 -13.07 2.01
N GLY C 241 7.40 -12.56 1.00
CA GLY C 241 6.82 -11.65 0.03
C GLY C 241 6.77 -10.21 0.48
N GLU C 242 7.32 -9.92 1.66
CA GLU C 242 7.13 -8.60 2.25
C GLU C 242 8.21 -7.59 1.91
N TRP C 243 7.80 -6.32 1.93
CA TRP C 243 8.70 -5.19 1.72
C TRP C 243 8.78 -4.44 3.03
N LEU C 244 9.94 -4.51 3.69
CA LEU C 244 10.09 -3.85 4.98
C LEU C 244 10.81 -2.52 4.79
N PHE C 245 10.12 -1.42 5.13
CA PHE C 245 10.70 -0.09 5.01
C PHE C 245 11.48 0.23 6.27
N VAL C 246 12.77 0.53 6.09
CA VAL C 246 13.62 0.91 7.20
C VAL C 246 14.20 2.24 6.80
N ASP C 247 13.48 3.31 7.13
CA ASP C 247 13.70 4.58 6.43
C ASP C 247 13.43 5.82 7.28
N GLY C 248 13.29 5.63 8.58
CA GLY C 248 12.96 6.72 9.49
C GLY C 248 11.69 7.48 9.15
N GLY C 249 10.74 6.82 8.47
CA GLY C 249 9.49 7.48 8.15
C GLY C 249 9.46 8.16 6.80
N TYR C 250 10.55 8.05 6.05
CA TYR C 250 10.71 8.79 4.79
C TYR C 250 9.57 8.56 3.79
N THR C 251 9.17 7.31 3.61
CA THR C 251 8.21 6.98 2.56
C THR C 251 6.78 7.30 2.98
N HIS C 252 6.44 7.00 4.23
CA HIS C 252 5.04 6.96 4.62
C HIS C 252 4.53 8.07 5.53
N LEU C 253 5.42 8.89 6.09
CA LEU C 253 4.96 9.95 6.99
C LEU C 253 4.77 11.28 6.27
N ASP C 254 3.76 12.03 6.69
CA ASP C 254 3.38 13.34 6.11
C ASP C 254 4.56 14.16 5.57
N ARG C 255 4.54 14.47 4.28
CA ARG C 255 5.64 15.23 3.65
C ARG C 255 5.77 16.62 4.28
N ALA C 256 4.71 17.08 4.92
CA ALA C 256 4.68 18.43 5.47
C ALA C 256 5.38 18.56 6.82
N LEU C 257 5.64 17.44 7.49
CA LEU C 257 6.27 17.52 8.80
C LEU C 257 7.69 18.11 8.69
N VAL C 258 8.15 18.75 9.76
CA VAL C 258 9.52 19.27 9.85
C VAL C 258 10.30 18.48 10.88
N MET D 1 -20.29 13.34 -18.76
CA MET D 1 -19.08 14.04 -18.34
C MET D 1 -18.15 14.28 -19.54
N ASP D 2 -18.06 15.53 -19.98
CA ASP D 2 -17.16 15.88 -21.07
C ASP D 2 -15.73 15.66 -20.60
N LEU D 3 -14.96 14.86 -21.33
CA LEU D 3 -13.57 14.60 -20.95
C LEU D 3 -12.60 15.56 -21.63
N ASN D 4 -13.12 16.40 -22.52
CA ASN D 4 -12.29 17.37 -23.25
C ASN D 4 -11.10 16.74 -23.97
N LEU D 5 -11.35 15.61 -24.62
CA LEU D 5 -10.32 14.92 -25.36
C LEU D 5 -10.54 15.03 -26.88
N GLN D 6 -11.48 15.87 -27.29
CA GLN D 6 -11.80 16.00 -28.71
C GLN D 6 -10.56 16.47 -29.47
N ASP D 7 -10.23 15.75 -30.54
CA ASP D 7 -9.07 16.05 -31.39
C ASP D 7 -7.72 15.88 -30.69
N LYS D 8 -7.69 15.24 -29.53
CA LYS D 8 -6.43 14.94 -28.86
C LYS D 8 -5.81 13.69 -29.48
N VAL D 9 -4.54 13.78 -29.85
CA VAL D 9 -3.83 12.69 -30.53
C VAL D 9 -3.15 11.80 -29.49
N VAL D 10 -3.56 10.53 -29.44
CA VAL D 10 -3.08 9.62 -28.41
C VAL D 10 -2.54 8.34 -29.02
N ILE D 11 -1.26 8.06 -28.81
CA ILE D 11 -0.69 6.79 -29.24
C ILE D 11 -1.07 5.68 -28.26
N VAL D 12 -1.56 4.56 -28.78
CA VAL D 12 -1.87 3.40 -27.95
C VAL D 12 -1.08 2.21 -28.47
N THR D 13 -0.10 1.75 -27.71
CA THR D 13 0.69 0.60 -28.15
C THR D 13 -0.07 -0.69 -27.90
N GLY D 14 0.04 -1.65 -28.82
CA GLY D 14 -0.82 -2.82 -28.77
C GLY D 14 -2.29 -2.42 -28.78
N GLY D 15 -2.60 -1.36 -29.53
CA GLY D 15 -3.89 -0.72 -29.41
C GLY D 15 -5.00 -1.22 -30.32
N ALA D 16 -4.84 -2.40 -30.91
CA ALA D 16 -5.83 -2.90 -31.87
C ALA D 16 -6.53 -4.18 -31.41
N SER D 17 -6.25 -4.63 -30.19
CA SER D 17 -6.93 -5.81 -29.68
C SER D 17 -6.94 -5.81 -28.15
N GLY D 18 -7.82 -6.62 -27.58
CA GLY D 18 -7.88 -6.73 -26.12
C GLY D 18 -8.04 -5.40 -25.43
N ILE D 19 -7.31 -5.20 -24.34
CA ILE D 19 -7.36 -3.96 -23.58
C ILE D 19 -7.00 -2.73 -24.42
N GLY D 20 -5.89 -2.79 -25.15
CA GLY D 20 -5.47 -1.66 -25.97
C GLY D 20 -6.52 -1.28 -27.00
N GLY D 21 -7.17 -2.29 -27.59
CA GLY D 21 -8.20 -2.07 -28.57
C GLY D 21 -9.37 -1.32 -27.96
N ALA D 22 -9.73 -1.70 -26.74
CA ALA D 22 -10.85 -1.06 -26.06
C ALA D 22 -10.49 0.38 -25.72
N ILE D 23 -9.23 0.61 -25.35
CA ILE D 23 -8.76 1.97 -25.06
C ILE D 23 -8.86 2.84 -26.34
N SER D 24 -8.37 2.32 -27.45
CA SER D 24 -8.48 3.06 -28.72
C SER D 24 -9.93 3.37 -29.08
N MET D 25 -10.82 2.42 -28.85
CA MET D 25 -12.22 2.58 -29.22
C MET D 25 -12.92 3.63 -28.35
N ARG D 26 -12.63 3.62 -27.05
CA ARG D 26 -13.20 4.63 -26.15
C ARG D 26 -12.65 6.03 -26.48
N LEU D 27 -11.36 6.12 -26.79
CA LEU D 27 -10.78 7.39 -27.26
C LEU D 27 -11.51 7.90 -28.48
N ALA D 28 -11.75 7.00 -29.44
CA ALA D 28 -12.49 7.37 -30.64
C ALA D 28 -13.91 7.84 -30.31
N GLU D 29 -14.55 7.16 -29.36
CA GLU D 29 -15.90 7.55 -28.94
C GLU D 29 -15.91 8.94 -28.33
N GLU D 30 -14.85 9.26 -27.59
CA GLU D 30 -14.70 10.57 -26.98
C GLU D 30 -14.20 11.62 -27.99
N ARG D 31 -14.11 11.20 -29.25
CA ARG D 31 -13.68 12.08 -30.35
C ARG D 31 -12.20 12.45 -30.32
N ALA D 32 -11.43 11.76 -29.49
CA ALA D 32 -9.97 11.83 -29.55
C ALA D 32 -9.48 11.14 -30.81
N ILE D 33 -8.18 11.23 -31.09
CA ILE D 33 -7.61 10.59 -32.26
C ILE D 33 -6.60 9.53 -31.83
N PRO D 34 -7.07 8.28 -31.68
CA PRO D 34 -6.16 7.20 -31.31
C PRO D 34 -5.25 6.86 -32.48
N VAL D 35 -3.97 6.64 -32.18
CA VAL D 35 -3.00 6.23 -33.18
C VAL D 35 -2.45 4.89 -32.71
N VAL D 36 -2.83 3.81 -33.38
CA VAL D 36 -2.47 2.47 -32.91
C VAL D 36 -1.05 2.09 -33.37
N PHE D 37 -0.18 1.78 -32.42
CA PHE D 37 1.14 1.22 -32.70
C PHE D 37 1.03 -0.26 -32.40
N ALA D 38 1.18 -1.10 -33.42
CA ALA D 38 1.11 -2.53 -33.21
C ALA D 38 1.88 -3.27 -34.29
N ARG D 39 2.28 -4.50 -33.99
CA ARG D 39 3.09 -5.32 -34.85
C ARG D 39 2.29 -5.76 -36.06
N HIS D 40 1.01 -6.06 -35.82
CA HIS D 40 0.16 -6.60 -36.88
C HIS D 40 -0.98 -5.64 -37.22
N ALA D 41 -1.33 -5.59 -38.51
CA ALA D 41 -2.45 -4.77 -38.96
C ALA D 41 -3.73 -5.20 -38.24
N PRO D 42 -4.48 -4.22 -37.73
CA PRO D 42 -5.75 -4.48 -37.03
C PRO D 42 -6.72 -5.18 -37.96
N ASP D 43 -7.70 -5.90 -37.42
CA ASP D 43 -8.66 -6.54 -38.30
C ASP D 43 -9.64 -5.50 -38.85
N GLY D 44 -10.29 -5.83 -39.95
CA GLY D 44 -11.17 -4.89 -40.62
C GLY D 44 -12.31 -4.41 -39.75
N ALA D 45 -12.88 -5.33 -38.98
CA ALA D 45 -14.03 -5.02 -38.12
C ALA D 45 -13.66 -3.97 -37.08
N PHE D 46 -12.46 -4.12 -36.52
CA PHE D 46 -11.97 -3.12 -35.57
C PHE D 46 -11.81 -1.76 -36.24
N LEU D 47 -11.17 -1.74 -37.40
CA LEU D 47 -10.95 -0.49 -38.12
C LEU D 47 -12.27 0.16 -38.58
N ASP D 48 -13.26 -0.65 -38.94
CA ASP D 48 -14.57 -0.14 -39.33
C ASP D 48 -15.22 0.61 -38.17
N ALA D 49 -15.19 -0.01 -37.00
CA ALA D 49 -15.84 0.54 -35.82
C ALA D 49 -15.11 1.79 -35.35
N LEU D 50 -13.78 1.74 -35.41
CA LEU D 50 -12.96 2.87 -34.97
C LEU D 50 -13.19 4.10 -35.84
N ALA D 51 -13.13 3.91 -37.16
CA ALA D 51 -13.27 5.01 -38.10
C ALA D 51 -14.67 5.61 -38.08
N GLN D 52 -15.65 4.80 -37.72
CA GLN D 52 -17.03 5.28 -37.64
C GLN D 52 -17.15 6.30 -36.52
N ARG D 53 -16.41 6.05 -35.44
CA ARG D 53 -16.38 6.96 -34.32
C ARG D 53 -15.43 8.12 -34.59
N GLN D 54 -14.28 7.81 -35.14
CA GLN D 54 -13.27 8.84 -35.44
C GLN D 54 -12.59 8.54 -36.77
N PRO D 55 -13.04 9.20 -37.85
CA PRO D 55 -12.52 8.94 -39.21
C PRO D 55 -11.02 9.13 -39.32
N ARG D 56 -10.45 10.00 -38.47
CA ARG D 56 -9.03 10.32 -38.55
C ARG D 56 -8.12 9.38 -37.77
N ALA D 57 -8.71 8.41 -37.07
CA ALA D 57 -7.92 7.43 -36.31
C ALA D 57 -7.02 6.67 -37.26
N THR D 58 -5.82 6.28 -36.81
CA THR D 58 -4.89 5.60 -37.71
C THR D 58 -4.17 4.43 -37.04
N TYR D 59 -3.46 3.68 -37.86
CA TYR D 59 -2.63 2.56 -37.39
C TYR D 59 -1.27 2.67 -38.05
N LEU D 60 -0.22 2.38 -37.28
CA LEU D 60 1.13 2.27 -37.84
C LEU D 60 1.71 0.93 -37.44
N PRO D 61 2.24 0.19 -38.42
CA PRO D 61 2.91 -1.07 -38.08
C PRO D 61 4.25 -0.80 -37.41
N VAL D 62 4.42 -1.31 -36.19
CA VAL D 62 5.61 -1.06 -35.40
C VAL D 62 6.00 -2.30 -34.63
N GLU D 63 7.25 -2.74 -34.76
CA GLU D 63 7.79 -3.72 -33.83
C GLU D 63 8.41 -2.91 -32.69
N LEU D 64 7.71 -2.87 -31.55
CA LEU D 64 8.11 -2.02 -30.43
C LEU D 64 9.48 -2.36 -29.85
N GLN D 65 9.98 -3.57 -30.13
CA GLN D 65 11.30 -3.96 -29.61
C GLN D 65 12.43 -3.36 -30.45
N ASP D 66 12.06 -2.76 -31.58
CA ASP D 66 13.00 -2.04 -32.43
C ASP D 66 12.96 -0.56 -32.07
N ASP D 67 14.03 -0.07 -31.42
CA ASP D 67 14.06 1.32 -30.97
C ASP D 67 13.89 2.30 -32.13
N ALA D 68 14.48 1.99 -33.27
CA ALA D 68 14.39 2.88 -34.43
C ALA D 68 12.97 2.97 -34.98
N GLN D 69 12.21 1.87 -34.86
CA GLN D 69 10.82 1.89 -35.34
C GLN D 69 9.93 2.72 -34.43
N CYS D 70 10.17 2.61 -33.13
CA CYS D 70 9.50 3.46 -32.16
C CYS D 70 9.76 4.93 -32.49
N ARG D 71 11.04 5.27 -32.64
CA ARG D 71 11.42 6.65 -32.98
C ARG D 71 10.73 7.14 -34.25
N ASP D 72 10.80 6.35 -35.32
CA ASP D 72 10.27 6.75 -36.62
C ASP D 72 8.75 6.86 -36.64
N ALA D 73 8.08 5.96 -35.91
CA ALA D 73 6.62 5.97 -35.83
C ALA D 73 6.11 7.17 -35.05
N VAL D 74 6.80 7.54 -33.97
CA VAL D 74 6.47 8.77 -33.26
C VAL D 74 6.66 9.97 -34.19
N ALA D 75 7.76 9.97 -34.93
CA ALA D 75 8.02 11.05 -35.88
C ALA D 75 6.93 11.12 -36.95
N GLN D 76 6.51 9.96 -37.46
CA GLN D 76 5.49 9.93 -38.50
C GLN D 76 4.15 10.45 -37.94
N THR D 77 3.88 10.10 -36.69
CA THR D 77 2.67 10.55 -36.02
C THR D 77 2.64 12.07 -35.92
N ILE D 78 3.77 12.65 -35.53
CA ILE D 78 3.93 14.10 -35.47
C ILE D 78 3.81 14.74 -36.87
N ALA D 79 4.39 14.09 -37.87
CA ALA D 79 4.31 14.61 -39.24
C ALA D 79 2.86 14.63 -39.74
N THR D 80 2.09 13.60 -39.37
CA THR D 80 0.70 13.50 -39.81
C THR D 80 -0.23 14.46 -39.06
N PHE D 81 -0.07 14.55 -37.75
CA PHE D 81 -1.02 15.28 -36.91
C PHE D 81 -0.51 16.59 -36.34
N GLY D 82 0.81 16.77 -36.29
CA GLY D 82 1.38 18.02 -35.81
C GLY D 82 1.52 18.14 -34.30
N ARG D 83 1.03 17.14 -33.57
CA ARG D 83 1.02 17.19 -32.12
C ARG D 83 0.82 15.80 -31.54
N LEU D 84 1.17 15.64 -30.27
CA LEU D 84 0.90 14.42 -29.54
C LEU D 84 0.42 14.79 -28.14
N ASP D 85 -0.75 14.26 -27.77
CA ASP D 85 -1.40 14.63 -26.52
C ASP D 85 -1.40 13.53 -25.46
N GLY D 86 -1.15 12.30 -25.89
CA GLY D 86 -1.19 11.20 -24.95
C GLY D 86 -0.38 10.01 -25.41
N LEU D 87 0.09 9.23 -24.44
CA LEU D 87 0.74 7.96 -24.71
C LEU D 87 0.13 6.92 -23.80
N VAL D 88 -0.41 5.86 -24.39
CA VAL D 88 -0.81 4.70 -23.61
C VAL D 88 0.17 3.57 -23.92
N ASN D 89 1.02 3.25 -22.94
CA ASN D 89 1.89 2.10 -23.03
C ASN D 89 1.10 0.88 -22.60
N ASN D 90 0.86 -0.04 -23.53
CA ASN D 90 -0.04 -1.15 -23.23
C ASN D 90 0.44 -2.51 -23.76
N ALA D 91 1.24 -2.51 -24.82
CA ALA D 91 1.69 -3.78 -25.39
C ALA D 91 2.46 -4.62 -24.38
N GLY D 92 2.20 -5.92 -24.39
CA GLY D 92 2.89 -6.83 -23.50
C GLY D 92 2.44 -8.27 -23.65
N VAL D 93 3.17 -9.18 -23.02
CA VAL D 93 2.80 -10.58 -23.04
C VAL D 93 3.32 -11.26 -21.79
N ASN D 94 2.46 -12.01 -21.11
CA ASN D 94 2.92 -12.83 -20.01
C ASN D 94 3.57 -14.08 -20.59
N ASP D 95 4.90 -14.06 -20.69
CA ASP D 95 5.62 -15.14 -21.41
C ASP D 95 6.13 -16.27 -20.51
N GLY D 96 5.73 -16.28 -19.25
CA GLY D 96 6.01 -17.42 -18.37
C GLY D 96 7.48 -17.75 -18.21
N ILE D 97 8.31 -16.73 -18.06
CA ILE D 97 9.74 -16.92 -17.86
C ILE D 97 10.04 -16.97 -16.37
N GLY D 98 10.28 -18.16 -15.84
CA GLY D 98 10.42 -18.31 -14.39
C GLY D 98 11.86 -18.33 -13.91
N LEU D 99 12.03 -18.78 -12.67
CA LEU D 99 13.34 -18.79 -12.03
C LEU D 99 14.37 -19.71 -12.69
N ASP D 100 13.89 -20.71 -13.42
CA ASP D 100 14.80 -21.69 -14.00
C ASP D 100 15.22 -21.35 -15.42
N ALA D 101 14.65 -20.27 -15.97
CA ALA D 101 14.85 -19.96 -17.39
C ALA D 101 16.24 -19.41 -17.75
N GLY D 102 16.81 -18.61 -16.86
CA GLY D 102 18.13 -18.06 -17.09
C GLY D 102 18.14 -16.65 -17.66
N ARG D 103 19.32 -16.04 -17.70
CA ARG D 103 19.52 -14.65 -18.08
C ARG D 103 18.89 -14.23 -19.41
N ASP D 104 19.22 -14.96 -20.48
CA ASP D 104 18.80 -14.57 -21.81
C ASP D 104 17.29 -14.54 -21.99
N ALA D 105 16.61 -15.54 -21.45
CA ALA D 105 15.15 -15.57 -21.49
C ALA D 105 14.56 -14.44 -20.63
N PHE D 106 15.20 -14.15 -19.50
CA PHE D 106 14.73 -13.10 -18.62
C PHE D 106 14.81 -11.74 -19.31
N VAL D 107 15.96 -11.47 -19.92
CA VAL D 107 16.18 -10.20 -20.60
C VAL D 107 15.27 -10.06 -21.82
N ALA D 108 15.03 -11.17 -22.51
CA ALA D 108 14.12 -11.15 -23.65
C ALA D 108 12.72 -10.75 -23.19
N SER D 109 12.33 -11.20 -22.00
CA SER D 109 11.04 -10.86 -21.44
C SER D 109 10.97 -9.36 -21.12
N LEU D 110 12.08 -8.81 -20.62
CA LEU D 110 12.18 -7.38 -20.38
C LEU D 110 12.00 -6.59 -21.67
N GLU D 111 12.59 -7.10 -22.75
CA GLU D 111 12.47 -6.45 -24.06
C GLU D 111 11.03 -6.45 -24.54
N ARG D 112 10.33 -7.56 -24.31
CA ARG D 112 8.95 -7.70 -24.77
C ARG D 112 7.99 -6.84 -24.00
N ASN D 113 8.36 -6.49 -22.77
CA ASN D 113 7.44 -5.84 -21.85
C ASN D 113 7.90 -4.47 -21.35
N LEU D 114 9.01 -4.46 -20.62
CA LEU D 114 9.47 -3.23 -19.96
C LEU D 114 10.14 -2.21 -20.87
N ILE D 115 11.10 -2.65 -21.67
CA ILE D 115 12.01 -1.71 -22.31
C ILE D 115 11.30 -0.78 -23.31
N HIS D 116 10.30 -1.28 -24.02
CA HIS D 116 9.60 -0.41 -24.98
C HIS D 116 8.68 0.61 -24.30
N TYR D 117 8.27 0.37 -23.06
CA TYR D 117 7.52 1.41 -22.32
C TYR D 117 8.44 2.61 -22.14
N TYR D 118 9.69 2.34 -21.79
CA TYR D 118 10.68 3.42 -21.63
C TYR D 118 10.98 4.09 -22.97
N ALA D 119 11.25 3.28 -24.00
CA ALA D 119 11.58 3.83 -25.31
C ALA D 119 10.46 4.71 -25.83
N MET D 120 9.22 4.29 -25.63
CA MET D 120 8.10 5.10 -26.11
C MET D 120 7.99 6.41 -25.32
N ALA D 121 8.16 6.34 -24.02
CA ALA D 121 8.13 7.55 -23.21
C ALA D 121 9.29 8.46 -23.60
N HIS D 122 10.45 7.86 -23.86
CA HIS D 122 11.64 8.60 -24.27
C HIS D 122 11.38 9.44 -25.53
N TYR D 123 10.77 8.82 -26.54
CA TYR D 123 10.50 9.53 -27.79
C TYR D 123 9.26 10.41 -27.75
N CYS D 124 8.31 10.10 -26.88
CA CYS D 124 7.06 10.87 -26.79
C CYS D 124 7.13 12.10 -25.89
N VAL D 125 7.91 12.02 -24.83
CA VAL D 125 7.93 13.08 -23.82
C VAL D 125 8.17 14.52 -24.33
N PRO D 126 9.10 14.72 -25.29
CA PRO D 126 9.25 16.10 -25.76
C PRO D 126 7.97 16.65 -26.37
N HIS D 127 7.21 15.79 -27.04
CA HIS D 127 5.95 16.20 -27.66
C HIS D 127 4.83 16.38 -26.63
N LEU D 128 4.78 15.48 -25.64
CA LEU D 128 3.81 15.58 -24.55
C LEU D 128 4.03 16.86 -23.74
N LYS D 129 5.29 17.25 -23.56
CA LYS D 129 5.61 18.49 -22.85
C LYS D 129 4.97 19.69 -23.53
N ALA D 130 5.03 19.71 -24.86
CA ALA D 130 4.51 20.83 -25.63
C ALA D 130 3.00 20.98 -25.53
N THR D 131 2.31 19.89 -25.22
CA THR D 131 0.85 19.91 -25.16
C THR D 131 0.32 19.75 -23.74
N ARG D 132 1.23 19.67 -22.77
CA ARG D 132 0.89 19.26 -21.40
C ARG D 132 -0.01 18.03 -21.45
N GLY D 133 0.42 17.03 -22.23
CA GLY D 133 -0.32 15.80 -22.39
C GLY D 133 -0.20 14.87 -21.20
N ALA D 134 -0.47 13.58 -21.42
CA ALA D 134 -0.48 12.63 -20.30
C ALA D 134 -0.04 11.26 -20.76
N ILE D 135 0.38 10.46 -19.79
CA ILE D 135 0.79 9.09 -20.04
C ILE D 135 -0.02 8.16 -19.16
N VAL D 136 -0.49 7.06 -19.74
CA VAL D 136 -1.02 5.96 -18.93
C VAL D 136 -0.23 4.69 -19.24
N ASN D 137 0.29 4.06 -18.20
CA ASN D 137 0.98 2.78 -18.32
C ASN D 137 0.07 1.65 -17.87
N ILE D 138 -0.19 0.69 -18.74
CA ILE D 138 -0.98 -0.46 -18.32
C ILE D 138 -0.04 -1.51 -17.71
N SER D 139 -0.28 -1.84 -16.44
CA SER D 139 0.55 -2.85 -15.78
C SER D 139 -0.24 -4.14 -15.60
N SER D 140 -0.13 -4.77 -14.42
CA SER D 140 -0.77 -6.05 -14.18
C SER D 140 -0.75 -6.33 -12.69
N LYS D 141 -1.79 -7.00 -12.18
CA LYS D 141 -1.81 -7.29 -10.75
C LYS D 141 -0.60 -8.13 -10.33
N THR D 142 -0.05 -8.89 -11.28
CA THR D 142 1.10 -9.75 -11.02
C THR D 142 2.30 -8.97 -10.49
N ALA D 143 2.37 -7.69 -10.85
CA ALA D 143 3.43 -6.79 -10.35
C ALA D 143 3.43 -6.73 -8.83
N VAL D 144 2.26 -6.89 -8.22
CA VAL D 144 2.21 -6.84 -6.76
C VAL D 144 1.79 -8.14 -6.10
N THR D 145 1.13 -9.03 -6.84
CA THR D 145 0.70 -10.30 -6.25
C THR D 145 1.67 -11.47 -6.52
N GLY D 146 2.50 -11.31 -7.53
CA GLY D 146 3.27 -12.45 -8.03
C GLY D 146 2.35 -13.43 -8.75
N GLN D 147 2.92 -14.53 -9.27
CA GLN D 147 2.10 -15.55 -9.92
C GLN D 147 2.74 -16.93 -9.84
N GLY D 148 4.05 -17.00 -10.02
CA GLY D 148 4.78 -18.22 -9.72
C GLY D 148 5.77 -18.73 -10.75
N ASN D 149 5.55 -18.45 -12.03
CA ASN D 149 6.48 -18.90 -13.06
C ASN D 149 6.68 -17.84 -14.12
N THR D 150 6.81 -16.59 -13.69
CA THR D 150 6.83 -15.48 -14.64
C THR D 150 7.64 -14.27 -14.12
N SER D 151 8.84 -14.56 -13.61
CA SER D 151 9.79 -13.53 -13.21
C SER D 151 9.95 -12.42 -14.25
N GLY D 152 10.12 -12.79 -15.51
CA GLY D 152 10.36 -11.79 -16.54
C GLY D 152 9.23 -10.78 -16.64
N TYR D 153 8.01 -11.31 -16.73
CA TYR D 153 6.83 -10.48 -16.88
C TYR D 153 6.54 -9.71 -15.59
N CYS D 154 6.66 -10.39 -14.46
CA CYS D 154 6.43 -9.74 -13.17
C CYS D 154 7.42 -8.59 -12.96
N ALA D 155 8.70 -8.84 -13.22
CA ALA D 155 9.71 -7.78 -13.07
C ALA D 155 9.34 -6.59 -13.95
N SER D 156 8.96 -6.87 -15.19
CA SER D 156 8.58 -5.81 -16.12
C SER D 156 7.40 -4.99 -15.62
N LYS D 157 6.35 -5.67 -15.19
CA LYS D 157 5.13 -4.99 -14.78
C LYS D 157 5.34 -4.17 -13.51
N GLY D 158 6.20 -4.66 -12.62
CA GLY D 158 6.53 -3.93 -11.42
C GLY D 158 7.38 -2.70 -11.75
N ALA D 159 8.34 -2.87 -12.66
CA ALA D 159 9.14 -1.74 -13.12
C ALA D 159 8.26 -0.66 -13.75
N GLN D 160 7.20 -1.06 -14.43
CA GLN D 160 6.30 -0.08 -15.04
C GLN D 160 5.55 0.75 -14.00
N LEU D 161 5.21 0.15 -12.87
CA LEU D 161 4.58 0.89 -11.76
C LEU D 161 5.58 1.87 -11.16
N ALA D 162 6.82 1.41 -11.00
CA ALA D 162 7.86 2.29 -10.47
C ALA D 162 8.10 3.47 -11.41
N LEU D 163 8.16 3.19 -12.72
CA LEU D 163 8.37 4.25 -13.71
C LEU D 163 7.23 5.25 -13.72
N THR D 164 6.04 4.79 -13.35
CA THR D 164 4.89 5.69 -13.25
C THR D 164 5.14 6.76 -12.19
N ARG D 165 5.67 6.34 -11.04
CA ARG D 165 6.03 7.29 -9.99
C ARG D 165 7.18 8.18 -10.43
N GLU D 166 8.20 7.57 -11.03
CA GLU D 166 9.38 8.31 -11.48
C GLU D 166 9.04 9.37 -12.51
N TRP D 167 8.27 8.99 -13.53
CA TRP D 167 7.92 9.96 -14.56
C TRP D 167 6.97 11.04 -14.05
N ALA D 168 6.06 10.67 -13.14
CA ALA D 168 5.20 11.70 -12.54
C ALA D 168 6.04 12.77 -11.87
N VAL D 169 7.08 12.36 -11.14
CA VAL D 169 8.00 13.32 -10.52
C VAL D 169 8.78 14.11 -11.57
N ALA D 170 9.35 13.40 -12.55
CA ALA D 170 10.20 14.02 -13.55
C ALA D 170 9.47 15.09 -14.35
N LEU D 171 8.19 14.86 -14.61
CA LEU D 171 7.45 15.70 -15.55
C LEU D 171 6.49 16.69 -14.88
N ARG D 172 6.50 16.73 -13.55
CA ARG D 172 5.53 17.53 -12.79
C ARG D 172 5.54 19.01 -13.19
N GLU D 173 6.73 19.58 -13.39
CA GLU D 173 6.79 21.02 -13.69
C GLU D 173 6.33 21.32 -15.11
N HIS D 174 6.17 20.28 -15.92
CA HIS D 174 5.70 20.44 -17.30
C HIS D 174 4.20 20.15 -17.41
N GLY D 175 3.58 19.81 -16.29
CA GLY D 175 2.15 19.55 -16.27
C GLY D 175 1.78 18.25 -16.97
N VAL D 176 2.76 17.38 -17.20
CA VAL D 176 2.47 16.09 -17.81
C VAL D 176 2.16 15.08 -16.71
N ARG D 177 0.93 14.59 -16.67
CA ARG D 177 0.56 13.59 -15.67
C ARG D 177 0.90 12.18 -16.16
N VAL D 178 1.29 11.30 -15.23
CA VAL D 178 1.65 9.92 -15.56
C VAL D 178 0.96 9.02 -14.54
N ASN D 179 0.11 8.12 -15.02
CA ASN D 179 -0.58 7.19 -14.12
C ASN D 179 -0.58 5.78 -14.67
N ALA D 180 -0.99 4.81 -13.85
CA ALA D 180 -0.99 3.40 -14.25
C ALA D 180 -2.36 2.80 -14.01
N VAL D 181 -2.74 1.82 -14.82
CA VAL D 181 -3.92 1.02 -14.54
C VAL D 181 -3.48 -0.42 -14.34
N ILE D 182 -4.03 -1.06 -13.31
CA ILE D 182 -3.66 -2.42 -12.97
C ILE D 182 -4.86 -3.34 -13.13
N PRO D 183 -4.90 -4.12 -14.23
CA PRO D 183 -5.98 -5.10 -14.39
C PRO D 183 -5.60 -6.40 -13.71
N ALA D 184 -6.56 -7.30 -13.50
CA ALA D 184 -6.24 -8.62 -12.97
C ALA D 184 -6.62 -9.69 -14.01
N GLU D 185 -7.91 -9.96 -14.15
CA GLU D 185 -8.36 -10.93 -15.13
C GLU D 185 -9.31 -10.27 -16.12
N VAL D 186 -8.85 -10.16 -17.36
CA VAL D 186 -9.62 -9.50 -18.41
C VAL D 186 -9.82 -10.48 -19.55
N MET D 187 -11.07 -10.66 -19.94
CA MET D 187 -11.37 -11.57 -21.03
C MET D 187 -11.08 -10.91 -22.36
N THR D 188 -10.30 -11.60 -23.17
CA THR D 188 -10.03 -11.19 -24.54
C THR D 188 -10.28 -12.43 -25.40
N PRO D 189 -10.50 -12.22 -26.71
CA PRO D 189 -10.44 -13.32 -27.69
C PRO D 189 -9.23 -14.21 -27.38
N LEU D 190 -8.05 -13.58 -27.32
CA LEU D 190 -6.78 -14.17 -26.91
C LEU D 190 -6.93 -15.19 -25.76
N TYR D 191 -7.05 -14.67 -24.55
CA TYR D 191 -7.26 -15.43 -23.32
C TYR D 191 -8.36 -16.48 -23.51
N ASP D 200 -9.70 -29.05 -20.37
CA ASP D 200 -11.11 -28.71 -20.17
C ASP D 200 -11.27 -27.20 -19.96
N PRO D 201 -11.58 -26.47 -21.05
CA PRO D 201 -11.71 -25.01 -21.01
C PRO D 201 -13.01 -24.48 -20.40
N GLU D 202 -14.08 -25.28 -20.40
CA GLU D 202 -15.30 -24.91 -19.67
C GLU D 202 -14.95 -24.73 -18.20
N ALA D 203 -14.10 -25.63 -17.73
CA ALA D 203 -13.75 -25.74 -16.32
C ALA D 203 -12.71 -24.72 -15.85
N LYS D 204 -11.65 -24.52 -16.64
CA LYS D 204 -10.57 -23.66 -16.18
C LYS D 204 -10.97 -22.18 -16.21
N LEU D 205 -11.79 -21.81 -17.19
CA LEU D 205 -12.37 -20.48 -17.24
C LEU D 205 -13.20 -20.25 -15.99
N ALA D 206 -14.03 -21.23 -15.66
CA ALA D 206 -14.88 -21.15 -14.48
C ALA D 206 -14.02 -21.01 -13.24
N GLU D 207 -12.94 -21.79 -13.20
CA GLU D 207 -12.00 -21.78 -12.08
C GLU D 207 -11.40 -20.39 -11.84
N ILE D 208 -10.94 -19.74 -12.91
CA ILE D 208 -10.33 -18.42 -12.79
C ILE D 208 -11.35 -17.36 -12.44
N ALA D 209 -12.48 -17.37 -13.14
CA ALA D 209 -13.53 -16.37 -12.93
C ALA D 209 -14.05 -16.43 -11.49
N ALA D 210 -14.13 -17.64 -10.96
CA ALA D 210 -14.64 -17.85 -9.60
C ALA D 210 -13.83 -17.06 -8.57
N LYS D 211 -12.57 -16.78 -8.88
CA LYS D 211 -11.71 -16.11 -7.90
C LYS D 211 -11.83 -14.58 -7.90
N VAL D 212 -12.60 -14.01 -8.82
CA VAL D 212 -12.75 -12.55 -8.84
C VAL D 212 -13.91 -12.14 -7.95
N PRO D 213 -13.63 -11.37 -6.89
CA PRO D 213 -14.66 -11.14 -5.87
C PRO D 213 -15.94 -10.48 -6.38
N LEU D 214 -15.84 -9.45 -7.21
CA LEU D 214 -17.04 -8.75 -7.67
C LEU D 214 -17.70 -9.48 -8.83
N GLY D 215 -18.73 -10.27 -8.52
CA GLY D 215 -19.53 -10.94 -9.55
C GLY D 215 -18.97 -12.25 -10.06
N ARG D 216 -17.79 -12.65 -9.55
CA ARG D 216 -17.18 -13.92 -9.97
C ARG D 216 -17.08 -13.97 -11.49
N ARG D 217 -16.61 -12.87 -12.08
CA ARG D 217 -16.52 -12.78 -13.52
C ARG D 217 -15.29 -11.97 -13.90
N PHE D 218 -14.82 -12.16 -15.13
CA PHE D 218 -13.70 -11.38 -15.64
C PHE D 218 -14.08 -9.92 -15.80
N THR D 219 -13.10 -9.04 -15.63
CA THR D 219 -13.23 -7.64 -16.00
C THR D 219 -13.30 -7.58 -17.51
N THR D 220 -14.03 -6.61 -18.07
CA THR D 220 -14.08 -6.49 -19.52
C THR D 220 -13.05 -5.46 -19.98
N PRO D 221 -12.56 -5.60 -21.23
CA PRO D 221 -11.62 -4.58 -21.74
C PRO D 221 -12.20 -3.17 -21.66
N ASP D 222 -13.50 -3.02 -21.88
CA ASP D 222 -14.14 -1.72 -21.74
C ASP D 222 -13.99 -1.11 -20.35
N GLU D 223 -14.04 -1.93 -19.32
CA GLU D 223 -13.88 -1.43 -17.96
C GLU D 223 -12.47 -0.89 -17.71
N ILE D 224 -11.46 -1.59 -18.22
CA ILE D 224 -10.11 -1.08 -18.09
C ILE D 224 -10.01 0.22 -18.88
N ALA D 225 -10.59 0.22 -20.07
CA ALA D 225 -10.50 1.37 -20.97
C ALA D 225 -11.10 2.64 -20.40
N ASP D 226 -12.23 2.52 -19.73
CA ASP D 226 -12.90 3.70 -19.20
C ASP D 226 -12.08 4.39 -18.11
N THR D 227 -11.40 3.61 -17.28
CA THR D 227 -10.51 4.21 -16.27
C THR D 227 -9.26 4.78 -16.93
N ALA D 228 -8.71 4.06 -17.91
CA ALA D 228 -7.52 4.55 -18.62
C ALA D 228 -7.79 5.89 -19.30
N VAL D 229 -8.92 5.99 -19.97
CA VAL D 229 -9.25 7.21 -20.71
C VAL D 229 -9.58 8.36 -19.75
N PHE D 230 -10.29 8.06 -18.66
CA PHE D 230 -10.48 9.07 -17.61
C PHE D 230 -9.13 9.66 -17.16
N LEU D 231 -8.15 8.78 -16.93
CA LEU D 231 -6.83 9.22 -16.48
C LEU D 231 -6.07 10.07 -17.49
N LEU D 232 -6.35 9.87 -18.78
CA LEU D 232 -5.73 10.70 -19.81
C LEU D 232 -6.36 12.09 -19.83
N SER D 233 -7.56 12.20 -19.28
CA SER D 233 -8.34 13.43 -19.45
C SER D 233 -8.06 14.44 -18.34
N PRO D 234 -8.38 15.72 -18.59
CA PRO D 234 -8.28 16.75 -17.55
C PRO D 234 -9.29 16.59 -16.41
N ARG D 235 -10.18 15.61 -16.48
CA ARG D 235 -11.04 15.32 -15.33
C ARG D 235 -10.20 14.73 -14.19
N ALA D 236 -9.01 14.24 -14.52
CA ALA D 236 -8.07 13.72 -13.55
C ALA D 236 -6.89 14.68 -13.39
N SER D 237 -7.16 15.98 -13.48
CA SER D 237 -6.12 17.01 -13.57
C SER D 237 -5.19 17.16 -12.36
N HIS D 238 -5.55 16.59 -11.21
CA HIS D 238 -4.59 16.58 -10.10
C HIS D 238 -4.20 15.17 -9.69
N THR D 239 -4.43 14.20 -10.57
CA THR D 239 -3.99 12.83 -10.32
C THR D 239 -2.72 12.54 -11.11
N THR D 240 -1.62 12.28 -10.40
CA THR D 240 -0.37 11.89 -11.08
C THR D 240 0.41 10.95 -10.18
N GLY D 241 1.08 9.98 -10.80
CA GLY D 241 1.89 9.02 -10.07
C GLY D 241 1.08 7.85 -9.53
N GLU D 242 -0.22 7.86 -9.80
CA GLU D 242 -1.11 6.88 -9.18
C GLU D 242 -1.25 5.57 -9.94
N TRP D 243 -1.56 4.52 -9.18
CA TRP D 243 -1.79 3.18 -9.71
C TRP D 243 -3.24 2.83 -9.43
N LEU D 244 -4.07 2.77 -10.47
CA LEU D 244 -5.50 2.50 -10.28
C LEU D 244 -5.80 1.04 -10.57
N PHE D 245 -6.28 0.33 -9.55
CA PHE D 245 -6.60 -1.09 -9.69
C PHE D 245 -8.03 -1.19 -10.19
N VAL D 246 -8.18 -1.82 -11.36
CA VAL D 246 -9.51 -2.08 -11.94
C VAL D 246 -9.58 -3.58 -12.10
N ASP D 247 -10.05 -4.25 -11.05
CA ASP D 247 -9.81 -5.68 -10.95
C ASP D 247 -10.89 -6.47 -10.23
N GLY D 248 -12.03 -5.86 -9.98
CA GLY D 248 -13.14 -6.56 -9.33
C GLY D 248 -12.80 -7.00 -7.91
N GLY D 249 -11.80 -6.37 -7.31
CA GLY D 249 -11.42 -6.68 -5.94
C GLY D 249 -10.31 -7.72 -5.81
N TYR D 250 -9.76 -8.15 -6.94
CA TYR D 250 -8.80 -9.25 -6.97
C TYR D 250 -7.58 -9.06 -6.06
N THR D 251 -6.99 -7.87 -6.09
CA THR D 251 -5.73 -7.64 -5.39
C THR D 251 -5.94 -7.42 -3.89
N HIS D 252 -6.98 -6.66 -3.56
CA HIS D 252 -7.10 -6.15 -2.19
C HIS D 252 -8.13 -6.81 -1.26
N LEU D 253 -9.06 -7.58 -1.79
CA LEU D 253 -10.11 -8.15 -0.92
C LEU D 253 -9.75 -9.55 -0.42
N ASP D 254 -10.19 -9.87 0.79
CA ASP D 254 -9.92 -11.15 1.47
C ASP D 254 -9.82 -12.36 0.52
N ARG D 255 -8.66 -13.01 0.50
CA ARG D 255 -8.46 -14.21 -0.33
C ARG D 255 -9.44 -15.32 0.05
N ALA D 256 -9.94 -15.27 1.29
CA ALA D 256 -10.83 -16.31 1.79
C ALA D 256 -12.26 -16.24 1.25
N LEU D 257 -12.65 -15.08 0.72
CA LEU D 257 -14.02 -14.94 0.24
C LEU D 257 -14.34 -15.89 -0.93
N VAL D 258 -15.60 -16.27 -1.05
CA VAL D 258 -16.09 -17.03 -2.20
C VAL D 258 -17.04 -16.16 -3.01
PA NAD E . -16.29 21.58 4.53
O1A NAD E . -16.06 21.85 5.92
O2A NAD E . -15.94 22.58 3.58
O5B NAD E . -17.75 21.06 4.40
C5B NAD E . -18.22 20.07 5.25
C4B NAD E . -19.72 20.14 5.25
O4B NAD E . -20.18 19.06 6.02
C3B NAD E . -20.17 21.45 5.88
O3B NAD E . -21.34 21.95 5.26
C2B NAD E . -20.54 20.96 7.24
O2B NAD E . -21.46 21.86 7.76
C1B NAD E . -21.09 19.56 6.94
N9A NAD E . -21.15 18.78 8.15
C8A NAD E . -20.09 18.52 8.90
N7A NAD E . -20.43 17.78 9.95
C5A NAD E . -21.74 17.63 9.91
C6A NAD E . -22.71 16.95 10.76
N6A NAD E . -22.22 16.37 11.85
N1A NAD E . -24.01 16.97 10.39
C2A NAD E . -24.35 17.59 9.26
N3A NAD E . -23.53 18.21 8.42
C4A NAD E . -22.23 18.29 8.71
O3 NAD E . -15.51 20.27 4.36
PN NAD E . -14.66 19.77 3.18
O1N NAD E . -13.34 20.28 3.26
O2N NAD E . -15.33 19.95 2.00
O5D NAD E . -14.47 18.33 3.63
C5D NAD E . -15.18 17.25 3.07
C4D NAD E . -14.56 15.88 3.23
O4D NAD E . -13.32 15.94 2.61
C3D NAD E . -14.30 15.48 4.69
O3D NAD E . -14.55 14.12 4.80
C2D NAD E . -12.80 15.71 4.88
O2D NAD E . -12.24 14.82 5.85
C1D NAD E . -12.28 15.45 3.47
N1N NAD E . -11.02 16.11 3.25
C2N NAD E . -10.86 17.42 3.01
C3N NAD E . -9.62 17.97 2.81
C7N NAD E . -9.37 19.43 2.50
O7N NAD E . -8.25 19.79 2.28
N7N NAD E . -10.43 20.23 2.50
C4N NAD E . -8.53 17.18 2.87
C5N NAD E . -8.70 15.86 3.13
C6N NAD E . -9.96 15.36 3.32
S SO4 F . -6.61 16.92 6.70
O1 SO4 F . -5.80 17.58 5.69
O2 SO4 F . -7.55 16.00 6.06
O3 SO4 F . -5.77 16.18 7.63
O4 SO4 F . -7.39 17.90 7.46
S SO4 G . -20.25 19.26 17.41
O1 SO4 G . -20.58 20.61 16.99
O2 SO4 G . -21.47 18.55 17.79
O3 SO4 G . -19.60 18.55 16.32
O4 SO4 G . -19.36 19.31 18.57
S SO4 H . 0.12 32.93 13.33
O1 SO4 H . 0.01 33.51 12.00
O2 SO4 H . -1.20 32.84 13.93
O3 SO4 H . 0.73 31.60 13.20
O4 SO4 H . 0.98 33.76 14.16
CL CL I . -13.60 23.56 -7.76
C1 EDO J . -6.78 1.65 6.75
O1 EDO J . -6.63 0.26 7.08
C2 EDO J . -5.75 2.47 7.52
O2 EDO J . -5.77 3.82 7.03
C1 EDO K . 3.94 10.57 2.90
O1 EDO K . 2.91 9.83 2.24
C2 EDO K . 4.23 11.88 2.17
O2 EDO K . 3.13 12.79 2.35
PA NAD L . -6.97 -14.02 22.32
O1A NAD L . -8.36 -13.85 22.59
O2A NAD L . -6.41 -15.39 22.34
O5B NAD L . -6.36 -13.14 23.45
C5B NAD L . -6.79 -11.82 23.74
C4B NAD L . -6.59 -11.48 25.21
O4B NAD L . -7.00 -10.16 25.49
C3B NAD L . -7.39 -12.37 26.13
O3B NAD L . -6.70 -12.64 27.32
C2B NAD L . -8.56 -11.48 26.50
O2B NAD L . -9.22 -11.86 27.68
C1B NAD L . -7.82 -10.16 26.61
N9A NAD L . -8.79 -9.09 26.50
C8A NAD L . -9.67 -8.88 25.50
N7A NAD L . -10.40 -7.79 25.70
C5A NAD L . -10.04 -7.30 26.85
C6A NAD L . -10.46 -6.17 27.67
N6A NAD L . -11.46 -5.39 27.18
N1A NAD L . -9.81 -5.95 28.86
C2A NAD L . -8.83 -6.76 29.25
N3A NAD L . -8.39 -7.84 28.55
C4A NAD L . -8.95 -8.16 27.38
O3 NAD L . -6.77 -13.23 20.98
PN NAD L . -5.53 -13.18 20.07
O1N NAD L . -5.96 -13.94 18.93
O2N NAD L . -4.40 -13.40 20.82
O5D NAD L . -5.57 -11.71 19.60
C5D NAD L . -4.68 -10.70 19.99
C4D NAD L . -4.55 -9.64 18.95
O4D NAD L . -4.28 -10.27 17.75
C3D NAD L . -5.88 -8.93 18.74
O3D NAD L . -5.64 -7.60 18.55
C2D NAD L . -6.44 -9.51 17.44
O2D NAD L . -7.24 -8.55 16.80
C1D NAD L . -5.14 -9.83 16.70
N1N NAD L . -5.31 -10.81 15.59
C2N NAD L . -5.39 -12.11 15.83
C3N NAD L . -5.53 -13.02 14.82
C7N NAD L . -5.66 -14.50 15.00
O7N NAD L . -5.81 -15.17 14.04
N7N NAD L . -5.63 -15.00 16.23
C4N NAD L . -5.59 -12.56 13.54
C5N NAD L . -5.55 -11.22 13.32
C6N NAD L . -5.37 -10.36 14.38
S SO4 M . -9.54 -11.68 12.04
O1 SO4 M . -10.34 -10.94 11.07
O2 SO4 M . -10.38 -12.17 13.11
O3 SO4 M . -8.92 -12.81 11.36
O4 SO4 M . -8.53 -10.81 12.61
S SO4 N . -17.72 -6.87 26.59
O1 SO4 N . -18.69 -5.96 26.01
O2 SO4 N . -18.33 -8.18 26.79
O3 SO4 N . -16.58 -7.01 25.70
O4 SO4 N . -17.27 -6.35 27.88
CL CL O . 3.70 -20.16 19.52
C1 EDO P . -5.88 -11.21 -0.12
O1 EDO P . -6.07 -11.64 1.23
C2 EDO P . -6.14 -9.71 -0.25
O2 EDO P . -5.17 -8.98 0.51
PA NAD Q . 27.59 0.90 -1.54
PA NAD Q . 27.62 1.04 -1.89
O1A NAD Q . 28.11 1.32 -2.97
O1A NAD Q . 27.82 1.51 -3.27
O2A NAD Q . 28.56 2.06 -1.06
O2A NAD Q . 28.28 1.81 -0.83
O5B NAD Q . 28.21 -0.46 -1.95
O5B NAD Q . 28.04 -0.46 -1.91
C5B NAD Q . 27.68 -1.22 -2.99
C5B NAD Q . 27.64 -1.28 -3.01
C4B NAD Q . 28.69 -2.33 -3.31
C4B NAD Q . 28.67 -2.34 -3.34
O4B NAD Q . 28.25 -3.09 -4.38
O4B NAD Q . 28.26 -3.08 -4.46
C3B NAD Q . 30.05 -1.77 -3.63
C3B NAD Q . 30.00 -1.75 -3.71
O3B NAD Q . 30.98 -2.48 -3.04
O3B NAD Q . 30.94 -2.49 -2.96
C2B NAD Q . 30.12 -1.99 -5.08
C2B NAD Q . 30.08 -2.01 -5.19
O2B NAD Q . 31.40 -2.19 -5.47
O2B NAD Q . 31.39 -2.14 -5.69
C1B NAD Q . 29.31 -3.23 -5.25
C1B NAD Q . 29.36 -3.32 -5.27
N9A NAD Q . 28.84 -3.39 -6.63
N9A NAD Q . 28.87 -3.49 -6.62
C8A NAD Q . 28.05 -2.53 -7.30
C8A NAD Q . 28.07 -2.65 -7.26
N7A NAD Q . 27.82 -2.97 -8.52
N7A NAD Q . 27.81 -3.09 -8.50
C5A NAD Q . 28.46 -4.15 -8.70
C5A NAD Q . 28.48 -4.21 -8.66
C6A NAD Q . 28.57 -5.05 -9.76
C6A NAD Q . 28.60 -5.15 -9.75
N6A NAD Q . 27.90 -4.78 -11.01
N6A NAD Q . 27.96 -4.89 -10.89
N1A NAD Q . 29.31 -6.16 -9.63
N1A NAD Q . 29.37 -6.23 -9.55
C2A NAD Q . 29.95 -6.44 -8.46
C2A NAD Q . 29.97 -6.42 -8.40
N3A NAD Q . 29.85 -5.59 -7.41
N3A NAD Q . 29.89 -5.60 -7.37
C4A NAD Q . 29.13 -4.45 -7.49
C4A NAD Q . 29.17 -4.48 -7.42
O3 NAD Q . 26.13 1.29 -2.07
O3 NAD Q . 26.07 0.99 -1.77
PN NAD Q . 24.95 1.11 -1.07
PN NAD Q . 25.40 0.15 -0.65
O1N NAD Q . 24.38 2.47 -0.75
O1N NAD Q . 25.38 0.75 0.55
O2N NAD Q . 25.44 0.43 0.18
O2N NAD Q . 25.88 -1.22 -0.50
O5D NAD Q . 23.85 0.22 -1.83
O5D NAD Q . 24.05 0.14 -1.46
C5D NAD Q . 23.43 -1.06 -1.33
C5D NAD Q . 23.42 -1.12 -1.45
C4D NAD Q . 21.97 -1.21 -1.61
C4D NAD Q . 21.94 -1.26 -1.68
O4D NAD Q . 21.25 -0.28 -0.83
O4D NAD Q . 21.28 -0.30 -0.92
C3D NAD Q . 21.66 -0.96 -3.07
C3D NAD Q . 21.61 -0.98 -3.13
O3D NAD Q . 20.86 -1.96 -3.63
O3D NAD Q . 20.74 -1.93 -3.65
C2D NAD Q . 20.96 0.34 -3.08
C2D NAD Q . 20.91 0.40 -3.09
O2D NAD Q . 20.00 0.48 -4.03
O2D NAD Q . 20.02 0.56 -4.20
C1D NAD Q . 20.31 0.35 -1.69
C1D NAD Q . 20.27 0.38 -1.70
N1N NAD Q . 19.92 1.67 -1.25
N1N NAD Q . 19.95 1.72 -1.21
C2N NAD Q . 20.84 2.53 -0.67
C2N NAD Q . 20.86 2.50 -0.72
C3N NAD Q . 20.44 3.80 -0.26
C3N NAD Q . 20.56 3.76 -0.27
C7N NAD Q . 21.44 4.76 0.38
C7N NAD Q . 21.55 4.73 0.34
O7N NAD Q . 21.03 5.80 0.82
O7N NAD Q . 21.12 5.73 0.73
N7N NAD Q . 22.82 4.46 0.46
N7N NAD Q . 22.82 4.46 0.42
C4N NAD Q . 19.13 4.19 -0.43
C4N NAD Q . 19.28 4.18 -0.37
C5N NAD Q . 18.22 3.35 -1.01
C5N NAD Q . 18.32 3.38 -0.93
C6N NAD Q . 18.62 2.08 -1.42
C6N NAD Q . 18.73 2.15 -1.35
S SO4 R . 18.36 6.35 -3.90
O1 SO4 R . 17.33 6.78 -4.84
O2 SO4 R . 18.20 4.93 -3.65
O3 SO4 R . 19.70 6.57 -4.46
O4 SO4 R . 18.21 7.12 -2.67
S SO4 S . 29.72 -0.42 -15.33
O1 SO4 S . 29.92 -1.12 -16.61
O2 SO4 S . 28.55 -0.98 -14.66
O3 SO4 S . 30.89 -0.61 -14.49
O4 SO4 S . 29.50 0.99 -15.58
CL CL T . 26.29 1.49 10.65
C1 EDO U . 6.74 -2.79 -8.05
O1 EDO U . 5.60 -3.64 -8.03
C2 EDO U . 6.44 -1.48 -7.33
O2 EDO U . 7.63 -0.68 -7.29
C1 EDO V . 7.27 10.59 0.56
O1 EDO V . 8.68 10.29 0.45
C2 EDO V . 6.48 9.84 -0.51
O2 EDO V . 6.46 8.45 -0.19
C1 EDO W . 19.58 12.04 -18.08
O1 EDO W . 20.09 10.74 -17.76
C2 EDO W . 18.63 11.93 -19.27
O2 EDO W . 17.30 12.29 -18.85
PA NAD X . -3.44 -8.63 -26.15
PA NAD X . -3.44 -8.65 -26.11
O1A NAD X . -2.37 -9.62 -26.29
O1A NAD X . -2.35 -9.62 -26.25
O2A NAD X . -4.81 -9.12 -26.30
O2A NAD X . -4.80 -9.14 -26.34
O5B NAD X . -3.11 -7.40 -27.00
O5B NAD X . -3.10 -7.41 -26.94
C5B NAD X . -1.80 -6.95 -26.94
C5B NAD X . -1.78 -6.97 -26.93
C4B NAD X . -1.47 -6.33 -28.26
C4B NAD X . -1.46 -6.33 -28.25
O4B NAD X . -0.17 -5.79 -28.22
O4B NAD X . -0.17 -5.79 -28.22
C3B NAD X . -1.54 -7.34 -29.39
C3B NAD X . -1.54 -7.34 -29.39
O3B NAD X . -2.10 -6.64 -30.46
O3B NAD X . -2.10 -6.64 -30.46
C2B NAD X . -0.10 -7.62 -29.66
C2B NAD X . -0.10 -7.62 -29.66
O2B NAD X . 0.10 -8.01 -30.99
O2B NAD X . 0.10 -8.01 -30.99
C1B NAD X . 0.49 -6.25 -29.36
C1B NAD X . 0.49 -6.25 -29.36
N9A NAD X . 1.90 -6.36 -29.09
N9A NAD X . 1.90 -6.36 -29.09
C8A NAD X . 2.43 -7.12 -28.14
C8A NAD X . 2.43 -7.12 -28.14
N7A NAD X . 3.76 -7.00 -28.14
N7A NAD X . 3.76 -7.00 -28.14
C5A NAD X . 4.09 -6.18 -29.13
C5A NAD X . 4.09 -6.18 -29.13
C6A NAD X . 5.32 -5.61 -29.67
C6A NAD X . 5.32 -5.61 -29.67
N6A NAD X . 6.48 -5.97 -29.12
N6A NAD X . 6.48 -5.97 -29.12
N1A NAD X . 5.23 -4.76 -30.74
N1A NAD X . 5.23 -4.76 -30.74
C2A NAD X . 4.03 -4.42 -31.23
C2A NAD X . 4.03 -4.42 -31.23
N3A NAD X . 2.88 -4.88 -30.78
N3A NAD X . 2.88 -4.88 -30.78
C4A NAD X . 2.85 -5.73 -29.76
C4A NAD X . 2.85 -5.74 -29.75
O3 NAD X . -3.11 -8.11 -24.73
O3 NAD X . -3.30 -8.21 -24.61
PN NAD X . -4.05 -7.49 -23.68
PN NAD X . -4.12 -7.00 -24.08
O1N NAD X . -4.39 -8.72 -22.87
O1N NAD X . -5.36 -7.37 -23.81
O2N NAD X . -5.01 -6.76 -24.18
O2N NAD X . -3.95 -5.76 -24.89
O5D NAD X . -2.92 -6.82 -22.82
O5D NAD X . -3.10 -6.87 -22.85
C5D NAD X . -2.81 -5.44 -22.62
C5D NAD X . -2.71 -5.54 -22.66
C4D NAD X . -2.11 -4.96 -21.35
C4D NAD X . -2.10 -5.00 -21.36
O4D NAD X . -2.89 -5.38 -20.29
O4D NAD X . -2.89 -5.39 -20.30
C3D NAD X . -0.72 -5.62 -21.17
C3D NAD X . -0.72 -5.63 -21.17
O3D NAD X . 0.24 -4.73 -20.73
O3D NAD X . 0.25 -4.72 -20.73
C2D NAD X . -1.03 -6.68 -20.11
C2D NAD X . -1.01 -6.68 -20.10
O2D NAD X . 0.19 -6.97 -19.42
O2D NAD X . 0.19 -6.96 -19.40
C1D NAD X . -2.12 -6.01 -19.28
C1D NAD X . -2.12 -6.01 -19.28
N1N NAD X . -2.87 -6.95 -18.51
N1N NAD X . -2.87 -6.95 -18.51
C2N NAD X . -3.71 -7.82 -19.07
C2N NAD X . -3.71 -7.82 -19.07
C3N NAD X . -4.40 -8.74 -18.34
C3N NAD X . -4.40 -8.74 -18.34
C7N NAD X . -5.38 -9.72 -18.93
C7N NAD X . -5.38 -9.72 -18.93
O7N NAD X . -5.94 -10.47 -18.19
O7N NAD X . -5.94 -10.47 -18.19
N7N NAD X . -5.59 -9.68 -20.23
N7N NAD X . -5.59 -9.68 -20.23
C4N NAD X . -4.19 -8.78 -17.00
C4N NAD X . -4.19 -8.78 -17.00
C5N NAD X . -3.31 -7.93 -16.42
C5N NAD X . -3.31 -7.93 -16.42
C6N NAD X . -2.67 -7.02 -17.22
C6N NAD X . -2.67 -7.01 -17.21
S SO4 Y . -1.30 -11.59 -15.77
O1 SO4 Y . -1.12 -10.18 -16.11
O2 SO4 Y . -2.61 -11.80 -15.19
O3 SO4 Y . -0.28 -12.04 -14.83
O4 SO4 Y . -1.16 -12.36 -17.02
S SO4 Z . 8.70 -12.00 -29.85
O1 SO4 Z . 8.82 -11.57 -31.24
O2 SO4 Z . 7.38 -12.61 -29.64
O3 SO4 Z . 9.74 -12.97 -29.54
O4 SO4 Z . 8.82 -10.85 -28.97
CL CL AA . -15.27 -4.85 -23.53
C1 EDO BA . -4.66 -11.36 -3.52
O1 EDO BA . -4.68 -11.41 -4.96
C2 EDO BA . -3.37 -10.74 -3.03
O2 EDO BA . -3.18 -9.46 -3.63
C1 EDO CA . -11.89 18.91 -12.86
O1 EDO CA . -13.03 18.78 -13.72
C2 EDO CA . -10.96 19.99 -13.42
O2 EDO CA . -10.40 19.52 -14.65
#